data_6CDM
#
_entry.id   6CDM
#
_cell.length_a   79.565
_cell.length_b   61.034
_cell.length_c   88.654
_cell.angle_alpha   90.000
_cell.angle_beta   91.890
_cell.angle_gamma   90.000
#
_symmetry.space_group_name_H-M   'P 1 21 1'
#
loop_
_entity.id
_entity.type
_entity.pdbx_description
1 polymer 'vFP7.04 heavy chain'
2 polymer 'vFP7.04 light chain'
3 polymer 'HIV fusion peptide (512-519)'
4 water water
#
loop_
_entity_poly.entity_id
_entity_poly.type
_entity_poly.pdbx_seq_one_letter_code
_entity_poly.pdbx_strand_id
1 'polypeptide(L)'
;QVQLQQSGAELVRPGASVTLSCKASGYTFTDYEMHWVKQTPVHGLEWIGAIVPETGFTAYTQKFKGKAMLTADKSSSTAY
MELRSLTSEDSAVYFCSRLRLYWYFDVWGTGTTVTVSSASTKGPSVFPLAPSSKSTSGGTAALGCLVKDYFPEPVTVSWN
SGALTSGVHTFPAVLQSSGLYSLSSVVTVPSSSLGTQTYICNVNHKPSNTKVDKKVEPKSC
;
A,D
2 'polypeptide(L)'
;GVLMTQTPLSLPVRLGDQASISCRSSQSIVYSNGNTYLEWYLQRPGQSPKLLIYKVSNRFSGVPDRVSGSGSGTDFTLKI
SRVEAEDLGVYYCFQGSHVPYTFGGGTKLEIKRTVAAPSVFIFPPSDEQLKSGTASVVCLLNNFYPREAKVQWKVDNALQ
SGNSQESVTEQDSKDSTYSLSSTLTLSKADYEKHKVYACEVTHQGLSSPVTKSFNRGEC
;
B,E
3 'polypeptide(L)' AVGIGAVF C,F
#
# COMPACT_ATOMS: atom_id res chain seq x y z
N GLN A 1 -5.31 -19.63 -6.72
CA GLN A 1 -5.26 -19.71 -5.27
C GLN A 1 -6.32 -18.87 -4.55
N VAL A 2 -6.96 -19.44 -3.52
CA VAL A 2 -7.79 -18.67 -2.60
C VAL A 2 -6.89 -17.89 -1.64
N GLN A 3 -7.27 -16.65 -1.34
CA GLN A 3 -6.49 -15.85 -0.42
C GLN A 3 -7.40 -14.87 0.31
N LEU A 4 -7.10 -14.66 1.59
CA LEU A 4 -7.72 -13.60 2.39
C LEU A 4 -6.58 -12.73 2.92
N GLN A 5 -6.47 -11.52 2.41
CA GLN A 5 -5.37 -10.64 2.75
C GLN A 5 -5.85 -9.57 3.73
N GLN A 6 -5.28 -9.57 4.93
CA GLN A 6 -5.64 -8.64 5.99
C GLN A 6 -4.63 -7.50 6.08
N SER A 7 -5.11 -6.39 6.63
CA SER A 7 -4.27 -5.21 6.81
C SER A 7 -3.26 -5.43 7.92
N GLY A 8 -2.25 -4.56 7.95
CA GLY A 8 -1.11 -4.70 8.83
C GLY A 8 -1.34 -4.19 10.25
N ALA A 9 -0.32 -4.35 11.08
CA ALA A 9 -0.41 -4.06 12.50
C ALA A 9 -0.73 -2.60 12.77
N GLU A 10 -1.53 -2.35 13.80
CA GLU A 10 -2.05 -1.04 14.13
C GLU A 10 -1.63 -0.63 15.53
N LEU A 11 -1.36 0.66 15.70
CA LEU A 11 -1.25 1.30 17.02
C LEU A 11 -2.33 2.35 17.10
N VAL A 12 -3.24 2.21 18.07
CA VAL A 12 -4.40 3.09 18.18
C VAL A 12 -4.50 3.60 19.62
N ARG A 13 -4.79 4.88 19.75
CA ARG A 13 -4.88 5.50 21.07
C ARG A 13 -6.20 5.09 21.76
N PRO A 14 -6.24 5.06 23.10
CA PRO A 14 -7.48 4.67 23.77
C PRO A 14 -8.64 5.59 23.42
N GLY A 15 -9.84 5.00 23.29
CA GLY A 15 -11.01 5.77 22.96
C GLY A 15 -11.17 6.12 21.49
N ALA A 16 -10.20 5.77 20.66
CA ALA A 16 -10.25 6.01 19.22
C ALA A 16 -10.89 4.82 18.51
N SER A 17 -10.84 4.84 17.19
CA SER A 17 -11.42 3.80 16.35
C SER A 17 -10.38 3.33 15.35
N VAL A 18 -10.58 2.11 14.86
CA VAL A 18 -9.74 1.55 13.81
C VAL A 18 -10.62 0.64 12.97
N THR A 19 -10.31 0.57 11.67
CA THR A 19 -11.01 -0.31 10.75
C THR A 19 -10.04 -1.34 10.20
N LEU A 20 -10.38 -2.61 10.35
CA LEU A 20 -9.58 -3.70 9.84
C LEU A 20 -10.19 -4.16 8.52
N SER A 21 -9.35 -4.51 7.56
CA SER A 21 -9.81 -4.91 6.24
C SER A 21 -9.38 -6.34 5.96
N CYS A 22 -10.16 -7.01 5.10
CA CYS A 22 -9.89 -8.40 4.73
C CYS A 22 -10.33 -8.55 3.28
N LYS A 23 -9.36 -8.61 2.36
CA LYS A 23 -9.66 -8.64 0.93
C LYS A 23 -9.60 -10.07 0.42
N ALA A 24 -10.67 -10.50 -0.24
CA ALA A 24 -10.78 -11.85 -0.79
C ALA A 24 -10.20 -11.91 -2.20
N SER A 25 -9.61 -13.05 -2.52
CA SER A 25 -8.93 -13.22 -3.79
C SER A 25 -9.09 -14.67 -4.24
N GLY A 26 -9.30 -14.85 -5.55
CA GLY A 26 -9.37 -16.18 -6.12
C GLY A 26 -10.69 -16.88 -5.97
N TYR A 27 -11.74 -16.19 -5.54
CA TYR A 27 -13.08 -16.76 -5.50
C TYR A 27 -14.08 -15.62 -5.50
N THR A 28 -15.34 -15.95 -5.75
CA THR A 28 -16.38 -14.94 -5.80
C THR A 28 -16.71 -14.48 -4.39
N PHE A 29 -16.50 -13.19 -4.13
CA PHE A 29 -16.61 -12.65 -2.78
C PHE A 29 -18.01 -12.83 -2.22
N THR A 30 -19.05 -12.68 -3.06
CA THR A 30 -20.42 -12.71 -2.56
C THR A 30 -20.92 -14.13 -2.28
N ASP A 31 -20.21 -15.16 -2.70
CA ASP A 31 -20.68 -16.53 -2.48
C ASP A 31 -20.38 -17.06 -1.09
N TYR A 32 -19.63 -16.32 -0.27
CA TYR A 32 -19.27 -16.76 1.07
C TYR A 32 -19.60 -15.65 2.07
N GLU A 33 -19.96 -16.06 3.28
CA GLU A 33 -20.01 -15.16 4.42
C GLU A 33 -18.59 -14.89 4.89
N MET A 34 -18.40 -13.74 5.54
CA MET A 34 -17.13 -13.41 6.17
C MET A 34 -17.29 -13.35 7.68
N HIS A 35 -16.49 -14.12 8.40
CA HIS A 35 -16.53 -14.20 9.86
C HIS A 35 -15.27 -13.57 10.47
N TRP A 36 -15.41 -13.03 11.66
CA TRP A 36 -14.28 -12.41 12.36
C TRP A 36 -14.07 -13.08 13.72
N VAL A 37 -12.80 -13.28 14.07
CA VAL A 37 -12.42 -14.05 15.26
C VAL A 37 -11.32 -13.30 15.99
N LYS A 38 -11.50 -13.12 17.30
CA LYS A 38 -10.53 -12.46 18.14
C LYS A 38 -9.66 -13.49 18.85
N GLN A 39 -8.37 -13.20 18.96
CA GLN A 39 -7.43 -14.11 19.61
C GLN A 39 -6.60 -13.34 20.63
N THR A 40 -6.63 -13.80 21.88
CA THR A 40 -5.79 -13.26 22.96
C THR A 40 -5.21 -14.42 23.75
N PRO A 41 -4.07 -14.22 24.39
CA PRO A 41 -3.57 -15.25 25.33
C PRO A 41 -4.52 -15.54 26.47
N VAL A 42 -5.32 -14.54 26.89
CA VAL A 42 -6.14 -14.70 28.08
C VAL A 42 -7.49 -15.36 27.78
N HIS A 43 -8.07 -15.13 26.60
CA HIS A 43 -9.38 -15.71 26.25
C HIS A 43 -9.34 -16.60 25.02
N GLY A 44 -8.16 -16.90 24.46
CA GLY A 44 -8.11 -17.77 23.30
C GLY A 44 -8.85 -17.18 22.12
N LEU A 45 -9.65 -18.02 21.44
CA LEU A 45 -10.39 -17.64 20.26
C LEU A 45 -11.83 -17.25 20.62
N GLU A 46 -12.30 -16.12 20.11
CA GLU A 46 -13.66 -15.65 20.32
C GLU A 46 -14.30 -15.31 18.98
N TRP A 47 -15.47 -15.89 18.71
CA TRP A 47 -16.26 -15.46 17.55
C TRP A 47 -16.79 -14.05 17.80
N ILE A 48 -16.56 -13.15 16.85
CA ILE A 48 -17.05 -11.78 16.99
C ILE A 48 -18.42 -11.62 16.34
N GLY A 49 -18.57 -12.16 15.15
CA GLY A 49 -19.74 -11.94 14.33
C GLY A 49 -19.38 -12.18 12.88
N ALA A 50 -20.38 -11.97 12.02
CA ALA A 50 -20.19 -12.25 10.61
C ALA A 50 -21.10 -11.34 9.79
N ILE A 51 -20.80 -11.27 8.50
CA ILE A 51 -21.60 -10.50 7.55
C ILE A 51 -21.84 -11.36 6.32
N VAL A 52 -23.02 -11.20 5.73
CA VAL A 52 -23.30 -11.75 4.40
C VAL A 52 -23.03 -10.64 3.39
N PRO A 53 -21.97 -10.74 2.59
CA PRO A 53 -21.66 -9.64 1.66
C PRO A 53 -22.79 -9.33 0.69
N GLU A 54 -23.53 -10.36 0.24
CA GLU A 54 -24.50 -10.13 -0.81
C GLU A 54 -25.68 -9.29 -0.35
N THR A 55 -26.03 -9.36 0.94
CA THR A 55 -27.17 -8.63 1.48
C THR A 55 -26.79 -7.61 2.54
N GLY A 56 -25.60 -7.69 3.14
CA GLY A 56 -25.22 -6.80 4.21
C GLY A 56 -25.75 -7.19 5.57
N PHE A 57 -26.43 -8.32 5.69
CA PHE A 57 -26.92 -8.80 6.97
C PHE A 57 -25.75 -9.19 7.88
N THR A 58 -25.87 -8.86 9.17
CA THR A 58 -24.82 -9.12 10.15
C THR A 58 -25.39 -9.75 11.41
N ALA A 59 -24.51 -10.39 12.17
CA ALA A 59 -24.85 -10.93 13.47
C ALA A 59 -23.62 -10.86 14.35
N TYR A 60 -23.83 -10.73 15.66
CA TYR A 60 -22.75 -10.51 16.61
C TYR A 60 -23.02 -11.27 17.90
N THR A 61 -21.94 -11.71 18.56
CA THR A 61 -22.08 -12.06 19.97
C THR A 61 -22.29 -10.79 20.77
N GLN A 62 -23.06 -10.92 21.86
CA GLN A 62 -23.66 -9.76 22.52
C GLN A 62 -22.61 -8.75 22.97
N LYS A 63 -21.48 -9.23 23.50
CA LYS A 63 -20.50 -8.32 24.07
C LYS A 63 -19.80 -7.47 23.01
N PHE A 64 -19.79 -7.89 21.75
CA PHE A 64 -19.20 -7.09 20.68
C PHE A 64 -20.19 -6.13 20.03
N LYS A 65 -21.48 -6.20 20.39
CA LYS A 65 -22.42 -5.22 19.85
C LYS A 65 -22.05 -3.84 20.37
N GLY A 66 -21.98 -2.87 19.47
CA GLY A 66 -21.53 -1.54 19.84
C GLY A 66 -20.03 -1.37 19.92
N LYS A 67 -19.27 -2.46 19.87
CA LYS A 67 -17.81 -2.41 19.81
C LYS A 67 -17.29 -2.70 18.41
N ALA A 68 -17.82 -3.71 17.75
CA ALA A 68 -17.47 -4.05 16.38
C ALA A 68 -18.65 -3.75 15.45
N MET A 69 -18.34 -3.28 14.25
CA MET A 69 -19.38 -3.15 13.24
C MET A 69 -18.80 -3.64 11.92
N LEU A 70 -19.48 -4.60 11.29
CA LEU A 70 -19.01 -5.24 10.08
C LEU A 70 -19.68 -4.63 8.85
N THR A 71 -18.89 -4.41 7.80
CA THR A 71 -19.37 -3.94 6.51
C THR A 71 -18.63 -4.70 5.44
N ALA A 72 -19.19 -4.68 4.22
CA ALA A 72 -18.57 -5.33 3.09
C ALA A 72 -18.72 -4.45 1.86
N ASP A 73 -17.70 -4.45 1.01
CA ASP A 73 -17.68 -3.66 -0.22
C ASP A 73 -17.55 -4.64 -1.38
N LYS A 74 -18.67 -4.88 -2.08
CA LYS A 74 -18.64 -5.82 -3.19
C LYS A 74 -17.74 -5.34 -4.32
N SER A 75 -17.66 -4.01 -4.51
CA SER A 75 -16.90 -3.49 -5.63
C SER A 75 -15.41 -3.78 -5.49
N SER A 76 -14.89 -3.88 -4.27
CA SER A 76 -13.48 -4.20 -4.03
C SER A 76 -13.29 -5.57 -3.40
N SER A 77 -14.37 -6.34 -3.16
CA SER A 77 -14.30 -7.67 -2.53
C SER A 77 -13.56 -7.64 -1.20
N THR A 78 -13.82 -6.61 -0.39
CA THR A 78 -13.13 -6.42 0.87
C THR A 78 -14.16 -6.28 1.98
N ALA A 79 -14.04 -7.13 3.00
CA ALA A 79 -14.83 -7.03 4.22
C ALA A 79 -14.09 -6.17 5.24
N TYR A 80 -14.86 -5.45 6.06
CA TYR A 80 -14.29 -4.55 7.05
C TYR A 80 -14.89 -4.79 8.42
N MET A 81 -14.05 -4.66 9.44
CA MET A 81 -14.50 -4.63 10.83
C MET A 81 -13.96 -3.36 11.47
N GLU A 82 -14.87 -2.51 11.93
CA GLU A 82 -14.51 -1.31 12.67
C GLU A 82 -14.61 -1.59 14.16
N LEU A 83 -13.55 -1.27 14.89
CA LEU A 83 -13.53 -1.37 16.34
C LEU A 83 -13.56 0.04 16.92
N ARG A 84 -14.51 0.30 17.83
CA ARG A 84 -14.76 1.66 18.27
C ARG A 84 -14.50 1.82 19.77
N SER A 85 -14.10 3.05 20.15
CA SER A 85 -13.84 3.46 21.53
C SER A 85 -13.00 2.42 22.27
N LEU A 86 -11.78 2.29 21.77
CA LEU A 86 -10.91 1.20 22.17
C LEU A 86 -10.42 1.36 23.61
N THR A 87 -10.33 0.24 24.30
CA THR A 87 -9.67 0.11 25.60
C THR A 87 -8.54 -0.90 25.48
N SER A 88 -7.80 -1.09 26.57
CA SER A 88 -6.69 -2.01 26.57
C SER A 88 -7.13 -3.45 26.35
N GLU A 89 -8.40 -3.77 26.61
CA GLU A 89 -8.88 -5.13 26.36
C GLU A 89 -9.11 -5.41 24.89
N ASP A 90 -9.05 -4.38 24.04
CA ASP A 90 -9.14 -4.57 22.60
C ASP A 90 -7.80 -4.89 21.95
N SER A 91 -6.68 -4.79 22.68
CA SER A 91 -5.41 -5.30 22.17
C SER A 91 -5.54 -6.80 21.94
N ALA A 92 -5.30 -7.22 20.71
CA ALA A 92 -5.48 -8.62 20.33
C ALA A 92 -4.97 -8.81 18.91
N VAL A 93 -5.11 -10.04 18.42
CA VAL A 93 -4.92 -10.36 17.01
C VAL A 93 -6.28 -10.74 16.43
N TYR A 94 -6.64 -10.12 15.31
CA TYR A 94 -7.94 -10.34 14.70
C TYR A 94 -7.78 -11.05 13.36
N PHE A 95 -8.59 -12.11 13.16
CA PHE A 95 -8.60 -12.90 11.95
C PHE A 95 -9.95 -12.76 11.24
N CYS A 96 -9.93 -12.85 9.92
CA CYS A 96 -11.13 -13.06 9.12
C CYS A 96 -11.11 -14.47 8.55
N SER A 97 -12.30 -15.00 8.30
CA SER A 97 -12.43 -16.32 7.70
C SER A 97 -13.71 -16.36 6.88
N ARG A 98 -13.66 -17.05 5.75
CA ARG A 98 -14.80 -17.22 4.85
C ARG A 98 -15.61 -18.45 5.25
N LEU A 99 -16.88 -18.46 4.84
CA LEU A 99 -17.76 -19.59 5.11
C LEU A 99 -18.81 -19.71 4.02
N ARG A 100 -18.76 -20.79 3.25
CA ARG A 100 -19.91 -21.18 2.45
C ARG A 100 -21.00 -21.74 3.35
N LEU A 101 -22.25 -21.46 2.99
CA LEU A 101 -23.37 -21.87 3.83
C LEU A 101 -23.35 -23.39 3.99
N TYR A 102 -23.51 -23.84 5.24
CA TYR A 102 -23.46 -25.23 5.67
C TYR A 102 -22.09 -25.89 5.56
N TRP A 103 -21.02 -25.14 5.39
CA TRP A 103 -19.66 -25.69 5.26
C TRP A 103 -18.85 -25.32 6.50
N TYR A 104 -17.66 -24.72 6.37
CA TYR A 104 -16.75 -24.57 7.49
C TYR A 104 -15.75 -23.44 7.21
N PHE A 105 -14.95 -23.11 8.22
CA PHE A 105 -13.90 -22.09 8.11
C PHE A 105 -12.65 -22.71 7.49
N ASP A 106 -12.65 -22.84 6.16
CA ASP A 106 -11.57 -23.53 5.47
C ASP A 106 -10.39 -22.63 5.12
N VAL A 107 -10.60 -21.34 4.89
CA VAL A 107 -9.52 -20.41 4.57
C VAL A 107 -9.56 -19.26 5.57
N TRP A 108 -8.39 -18.93 6.14
CA TRP A 108 -8.28 -17.91 7.17
C TRP A 108 -7.38 -16.78 6.68
N GLY A 109 -7.61 -15.57 7.22
CA GLY A 109 -6.76 -14.45 6.89
C GLY A 109 -5.43 -14.53 7.62
N THR A 110 -4.50 -13.68 7.19
CA THR A 110 -3.17 -13.66 7.80
C THR A 110 -3.22 -13.22 9.27
N GLY A 111 -4.17 -12.37 9.63
CA GLY A 111 -4.26 -11.86 11.00
C GLY A 111 -3.71 -10.46 11.17
N THR A 112 -4.37 -9.66 12.01
CA THR A 112 -4.00 -8.27 12.22
C THR A 112 -3.81 -8.04 13.71
N THR A 113 -2.64 -7.55 14.09
CA THR A 113 -2.33 -7.22 15.48
C THR A 113 -2.71 -5.78 15.76
N VAL A 114 -3.49 -5.56 16.82
CA VAL A 114 -3.90 -4.22 17.26
C VAL A 114 -3.39 -4.00 18.67
N THR A 115 -2.65 -2.90 18.87
CA THR A 115 -2.19 -2.50 20.19
C THR A 115 -2.80 -1.14 20.52
N VAL A 116 -3.65 -1.13 21.54
CA VAL A 116 -4.24 0.10 22.06
C VAL A 116 -3.29 0.68 23.09
N SER A 117 -2.75 1.87 22.81
CA SER A 117 -1.81 2.51 23.71
C SER A 117 -1.76 4.02 23.45
N SER A 118 -1.55 4.79 24.51
CA SER A 118 -1.37 6.23 24.35
C SER A 118 0.05 6.63 23.99
N ALA A 119 1.01 5.71 24.01
CA ALA A 119 2.40 6.01 23.68
C ALA A 119 2.65 6.12 22.16
N SER A 120 3.65 6.91 21.81
CA SER A 120 4.02 7.09 20.41
C SER A 120 4.83 5.90 19.88
N THR A 121 4.73 5.68 18.58
CA THR A 121 5.46 4.61 17.92
C THR A 121 6.96 4.89 17.88
N LYS A 122 7.76 3.82 17.89
CA LYS A 122 9.20 3.94 17.67
C LYS A 122 9.68 2.76 16.83
N GLY A 123 10.39 3.07 15.75
CA GLY A 123 10.99 2.05 14.92
C GLY A 123 12.24 1.47 15.57
N PRO A 124 12.57 0.22 15.22
CA PRO A 124 13.73 -0.44 15.83
C PRO A 124 15.06 0.00 15.25
N SER A 125 16.10 -0.14 16.07
CA SER A 125 17.47 -0.27 15.58
C SER A 125 17.75 -1.75 15.32
N VAL A 126 18.59 -2.02 14.32
CA VAL A 126 18.90 -3.40 13.94
C VAL A 126 20.42 -3.59 13.94
N PHE A 127 20.90 -4.49 14.80
CA PHE A 127 22.32 -4.72 14.92
C PHE A 127 22.68 -6.15 14.53
N PRO A 128 23.76 -6.32 13.76
CA PRO A 128 24.20 -7.68 13.42
C PRO A 128 24.64 -8.47 14.63
N LEU A 129 24.37 -9.78 14.59
CA LEU A 129 24.97 -10.74 15.52
C LEU A 129 26.01 -11.51 14.70
N ALA A 130 27.19 -10.94 14.60
CA ALA A 130 28.17 -11.39 13.60
C ALA A 130 28.69 -12.78 13.95
N PRO A 131 28.71 -13.70 12.98
CA PRO A 131 29.33 -15.00 13.22
C PRO A 131 30.83 -14.85 13.47
N SER A 132 31.36 -15.71 14.34
CA SER A 132 32.78 -15.71 14.67
C SER A 132 33.19 -17.11 15.12
N SER A 133 34.44 -17.25 15.55
CA SER A 133 34.89 -18.53 16.08
C SER A 133 34.14 -18.92 17.35
N LYS A 134 33.57 -17.94 18.06
CA LYS A 134 32.76 -18.19 19.24
C LYS A 134 31.31 -18.53 18.91
N SER A 135 30.91 -18.55 17.64
CA SER A 135 29.57 -19.01 17.30
C SER A 135 29.61 -20.13 16.26
N THR A 136 30.61 -21.02 16.35
CA THR A 136 30.66 -22.20 15.51
C THR A 136 30.49 -23.46 16.34
N SER A 137 29.83 -24.45 15.75
CA SER A 137 29.55 -25.71 16.42
C SER A 137 29.42 -26.80 15.36
N GLY A 138 30.29 -27.80 15.39
CA GLY A 138 30.14 -28.96 14.52
C GLY A 138 30.23 -28.64 13.04
N GLY A 139 31.10 -27.72 12.65
CA GLY A 139 31.21 -27.32 11.25
C GLY A 139 30.11 -26.38 10.81
N THR A 140 29.35 -25.86 11.75
CA THR A 140 28.18 -25.01 11.52
C THR A 140 28.40 -23.65 12.17
N ALA A 141 27.76 -22.61 11.64
CA ALA A 141 27.87 -21.26 12.21
C ALA A 141 26.50 -20.66 12.49
N ALA A 142 26.41 -19.94 13.62
CA ALA A 142 25.22 -19.16 13.97
C ALA A 142 25.46 -17.68 13.69
N LEU A 143 24.42 -17.01 13.20
CA LEU A 143 24.47 -15.56 12.97
C LEU A 143 23.04 -15.05 13.07
N GLY A 144 22.90 -13.73 13.19
CA GLY A 144 21.57 -13.19 13.40
C GLY A 144 21.56 -11.68 13.46
N CYS A 145 20.43 -11.16 13.95
CA CYS A 145 20.17 -9.74 14.07
C CYS A 145 19.53 -9.46 15.41
N LEU A 146 19.99 -8.38 16.05
CA LEU A 146 19.38 -7.84 17.26
C LEU A 146 18.48 -6.67 16.88
N VAL A 147 17.17 -6.85 17.02
CA VAL A 147 16.17 -5.84 16.69
C VAL A 147 15.71 -5.20 17.99
N LYS A 148 16.10 -3.95 18.23
CA LYS A 148 16.06 -3.38 19.57
C LYS A 148 15.34 -2.05 19.60
N ASP A 149 14.64 -1.81 20.71
CA ASP A 149 14.11 -0.49 21.07
C ASP A 149 13.01 -0.02 20.12
N TYR A 150 11.96 -0.82 19.99
CA TYR A 150 10.82 -0.49 19.16
C TYR A 150 9.54 -0.59 19.98
N PHE A 151 8.52 0.14 19.52
CA PHE A 151 7.20 0.09 20.11
C PHE A 151 6.20 0.47 19.01
N PRO A 152 5.05 -0.20 18.93
CA PRO A 152 4.75 -1.38 19.74
C PRO A 152 5.16 -2.66 19.04
N GLU A 153 4.62 -3.79 19.51
CA GLU A 153 4.68 -5.04 18.75
C GLU A 153 3.70 -4.99 17.58
N PRO A 154 3.94 -5.80 16.54
CA PRO A 154 5.09 -6.67 16.34
C PRO A 154 6.06 -6.18 15.27
N VAL A 155 7.21 -6.82 15.16
CA VAL A 155 8.04 -6.73 13.96
C VAL A 155 7.96 -8.08 13.27
N THR A 156 8.00 -8.05 11.94
CA THR A 156 8.23 -9.25 11.17
C THR A 156 9.67 -9.27 10.70
N VAL A 157 10.29 -10.45 10.74
CA VAL A 157 11.68 -10.64 10.37
C VAL A 157 11.75 -11.72 9.31
N SER A 158 12.41 -11.42 8.20
CA SER A 158 12.69 -12.42 7.18
C SER A 158 14.16 -12.34 6.83
N TRP A 159 14.65 -13.38 6.17
CA TRP A 159 16.06 -13.50 5.82
C TRP A 159 16.18 -13.67 4.32
N ASN A 160 17.03 -12.85 3.70
CA ASN A 160 17.26 -12.88 2.25
C ASN A 160 15.94 -12.80 1.48
N SER A 161 15.11 -11.84 1.87
CA SER A 161 13.82 -11.56 1.21
C SER A 161 12.93 -12.81 1.16
N GLY A 162 13.02 -13.66 2.17
CA GLY A 162 12.24 -14.87 2.22
C GLY A 162 12.88 -16.08 1.56
N ALA A 163 14.01 -15.92 0.88
CA ALA A 163 14.68 -17.06 0.29
C ALA A 163 15.28 -18.00 1.34
N LEU A 164 15.45 -17.53 2.57
CA LEU A 164 16.04 -18.31 3.65
C LEU A 164 15.01 -18.48 4.77
N THR A 165 14.53 -19.71 4.96
CA THR A 165 13.64 -20.03 6.07
C THR A 165 14.15 -21.19 6.93
N SER A 166 14.87 -22.14 6.34
CA SER A 166 15.33 -23.29 7.11
C SER A 166 16.32 -22.85 8.18
N GLY A 167 16.15 -23.40 9.39
CA GLY A 167 17.08 -23.12 10.47
C GLY A 167 16.95 -21.77 11.14
N VAL A 168 15.84 -21.05 10.94
CA VAL A 168 15.66 -19.73 11.54
C VAL A 168 14.92 -19.85 12.87
N HIS A 169 15.45 -19.17 13.89
CA HIS A 169 14.77 -19.00 15.17
C HIS A 169 14.61 -17.50 15.41
N THR A 170 13.37 -17.02 15.35
CA THR A 170 13.04 -15.65 15.73
C THR A 170 12.36 -15.71 17.08
N PHE A 171 13.01 -15.18 18.10
CA PHE A 171 12.57 -15.33 19.48
C PHE A 171 11.43 -14.38 19.83
N PRO A 172 10.61 -14.75 20.82
CA PRO A 172 9.64 -13.78 21.34
C PRO A 172 10.36 -12.57 21.89
N ALA A 173 9.77 -11.40 21.67
CA ALA A 173 10.37 -10.16 22.14
C ALA A 173 10.27 -10.05 23.66
N VAL A 174 11.25 -9.37 24.25
CA VAL A 174 11.21 -9.04 25.68
C VAL A 174 10.89 -7.57 25.81
N LEU A 175 10.28 -7.21 26.93
CA LEU A 175 9.93 -5.84 27.25
C LEU A 175 11.01 -5.28 28.15
N GLN A 176 11.78 -4.33 27.63
CA GLN A 176 12.84 -3.71 28.40
C GLN A 176 12.26 -2.72 29.39
N SER A 177 13.07 -2.37 30.39
CA SER A 177 12.60 -1.46 31.43
C SER A 177 12.24 -0.09 30.88
N SER A 178 12.74 0.27 29.70
CA SER A 178 12.38 1.53 29.05
C SER A 178 10.97 1.53 28.49
N GLY A 179 10.29 0.39 28.46
CA GLY A 179 9.01 0.28 27.80
C GLY A 179 9.08 -0.03 26.32
N LEU A 180 10.27 -0.25 25.79
CA LEU A 180 10.48 -0.61 24.40
C LEU A 180 10.83 -2.09 24.30
N TYR A 181 10.39 -2.71 23.21
CA TYR A 181 10.63 -4.13 22.98
C TYR A 181 11.99 -4.38 22.34
N SER A 182 12.50 -5.59 22.58
CA SER A 182 13.74 -6.08 21.98
C SER A 182 13.61 -7.56 21.64
N LEU A 183 14.19 -7.94 20.50
CA LEU A 183 14.00 -9.27 19.93
C LEU A 183 15.28 -9.70 19.23
N SER A 184 15.51 -11.00 19.16
CA SER A 184 16.62 -11.55 18.39
C SER A 184 16.12 -12.56 17.37
N SER A 185 16.72 -12.55 16.18
CA SER A 185 16.46 -13.53 15.14
C SER A 185 17.80 -14.12 14.72
N VAL A 186 17.87 -15.46 14.69
CA VAL A 186 19.14 -16.15 14.47
C VAL A 186 18.93 -17.26 13.46
N VAL A 187 20.01 -17.62 12.77
CA VAL A 187 19.97 -18.69 11.79
C VAL A 187 21.28 -19.46 11.86
N THR A 188 21.18 -20.76 11.64
CA THR A 188 22.32 -21.68 11.61
C THR A 188 22.64 -22.06 10.17
N VAL A 189 23.90 -21.86 9.76
CA VAL A 189 24.33 -22.03 8.37
C VAL A 189 25.66 -22.77 8.32
N PRO A 190 26.01 -23.33 7.16
CA PRO A 190 27.34 -23.95 7.03
C PRO A 190 28.48 -22.96 7.28
N SER A 191 29.53 -23.44 7.93
CA SER A 191 30.74 -22.64 8.10
C SER A 191 31.47 -22.40 6.79
N SER A 192 31.55 -23.45 5.93
CA SER A 192 32.32 -23.34 4.70
C SER A 192 31.76 -22.29 3.75
N SER A 193 30.46 -22.02 3.84
CA SER A 193 29.76 -21.15 2.92
C SER A 193 29.85 -19.68 3.31
N LEU A 194 30.42 -19.34 4.46
CA LEU A 194 30.31 -17.97 4.97
C LEU A 194 30.97 -16.97 4.04
N GLY A 195 32.02 -17.36 3.32
CA GLY A 195 32.65 -16.45 2.38
C GLY A 195 31.96 -16.33 1.04
N THR A 196 31.06 -17.27 0.72
CA THR A 196 30.42 -17.28 -0.58
C THR A 196 28.94 -16.88 -0.55
N GLN A 197 28.24 -17.18 0.54
CA GLN A 197 26.84 -16.82 0.70
C GLN A 197 26.73 -15.46 1.37
N THR A 198 25.61 -14.77 1.12
CA THR A 198 25.29 -13.53 1.81
C THR A 198 24.02 -13.70 2.62
N TYR A 199 24.00 -13.10 3.82
CA TYR A 199 22.90 -13.25 4.76
C TYR A 199 22.42 -11.87 5.19
N ILE A 200 21.18 -11.54 4.81
CA ILE A 200 20.58 -10.23 5.09
C ILE A 200 19.29 -10.46 5.84
N CYS A 201 19.16 -9.82 7.00
CA CYS A 201 17.90 -9.87 7.75
C CYS A 201 17.05 -8.66 7.37
N ASN A 202 15.80 -8.93 7.02
CA ASN A 202 14.84 -7.89 6.62
C ASN A 202 13.87 -7.68 7.77
N VAL A 203 13.91 -6.50 8.38
CA VAL A 203 13.09 -6.17 9.53
C VAL A 203 12.05 -5.15 9.10
N ASN A 204 10.80 -5.45 9.39
CA ASN A 204 9.69 -4.57 9.02
C ASN A 204 8.89 -4.25 10.28
N HIS A 205 8.77 -2.97 10.58
CA HIS A 205 7.94 -2.50 11.70
C HIS A 205 6.82 -1.65 11.10
N LYS A 206 5.68 -2.29 10.85
CA LYS A 206 4.56 -1.60 10.22
C LYS A 206 4.11 -0.36 10.99
N PRO A 207 3.90 -0.39 12.32
CA PRO A 207 3.34 0.80 12.98
C PRO A 207 4.16 2.07 12.81
N SER A 208 5.47 1.95 12.65
CA SER A 208 6.32 3.10 12.38
C SER A 208 6.69 3.24 10.91
N ASN A 209 6.17 2.36 10.04
CA ASN A 209 6.52 2.36 8.60
C ASN A 209 8.03 2.26 8.41
N THR A 210 8.66 1.36 9.15
CA THR A 210 10.10 1.13 9.11
C THR A 210 10.43 -0.20 8.44
N LYS A 211 11.40 -0.17 7.53
CA LYS A 211 11.97 -1.37 6.92
C LYS A 211 13.48 -1.20 6.89
N VAL A 212 14.19 -2.14 7.52
CA VAL A 212 15.64 -2.08 7.62
C VAL A 212 16.19 -3.42 7.16
N ASP A 213 17.17 -3.38 6.25
CA ASP A 213 17.93 -4.55 5.84
C ASP A 213 19.31 -4.49 6.47
N LYS A 214 19.76 -5.59 7.06
CA LYS A 214 21.10 -5.65 7.59
C LYS A 214 21.83 -6.86 7.03
N LYS A 215 22.97 -6.62 6.40
CA LYS A 215 23.84 -7.68 5.95
C LYS A 215 24.75 -8.07 7.12
N VAL A 216 24.81 -9.36 7.42
CA VAL A 216 25.58 -9.88 8.56
C VAL A 216 26.81 -10.58 8.00
N GLU A 217 27.97 -10.16 8.46
CA GLU A 217 29.27 -10.61 8.02
C GLU A 217 30.11 -11.01 9.24
N PRO A 218 31.11 -11.90 9.05
CA PRO A 218 32.01 -12.34 10.12
C PRO A 218 32.78 -11.22 10.80
N GLY B 1 -25.63 -17.95 25.10
CA GLY B 1 -25.34 -18.87 24.03
C GLY B 1 -24.83 -20.20 24.55
N VAL B 2 -24.23 -20.98 23.66
CA VAL B 2 -23.77 -22.33 23.98
C VAL B 2 -22.36 -22.25 24.57
N LEU B 3 -22.20 -22.77 25.78
CA LEU B 3 -20.88 -22.85 26.41
C LEU B 3 -20.20 -24.14 25.98
N MET B 4 -18.96 -24.01 25.49
CA MET B 4 -18.12 -25.15 25.13
C MET B 4 -16.99 -25.26 26.15
N THR B 5 -17.00 -26.35 26.94
CA THR B 5 -15.99 -26.59 27.95
C THR B 5 -15.02 -27.65 27.45
N GLN B 6 -13.75 -27.31 27.38
CA GLN B 6 -12.70 -28.18 26.86
C GLN B 6 -11.83 -28.70 28.00
N THR B 7 -11.36 -29.93 27.86
CA THR B 7 -10.48 -30.50 28.86
C THR B 7 -9.55 -31.49 28.18
N PRO B 8 -8.28 -31.56 28.60
CA PRO B 8 -7.66 -30.70 29.60
C PRO B 8 -7.20 -29.37 29.01
N LEU B 9 -6.66 -28.47 29.85
CA LEU B 9 -6.14 -27.21 29.31
C LEU B 9 -4.78 -27.41 28.67
N SER B 10 -3.95 -28.29 29.22
CA SER B 10 -2.67 -28.63 28.62
C SER B 10 -2.50 -30.13 28.64
N LEU B 11 -2.00 -30.67 27.54
CA LEU B 11 -1.84 -32.11 27.40
C LEU B 11 -0.41 -32.43 27.02
N PRO B 12 0.44 -32.83 27.97
CA PRO B 12 1.79 -33.27 27.63
C PRO B 12 1.74 -34.72 27.17
N VAL B 13 2.34 -35.00 26.02
CA VAL B 13 2.29 -36.33 25.41
C VAL B 13 3.67 -36.70 24.90
N ARG B 14 4.03 -37.97 25.06
CA ARG B 14 5.24 -38.49 24.45
C ARG B 14 5.04 -38.69 22.96
N LEU B 15 6.12 -38.53 22.19
CA LEU B 15 6.08 -38.83 20.77
C LEU B 15 5.69 -40.29 20.57
N GLY B 16 4.75 -40.52 19.66
CA GLY B 16 4.27 -41.86 19.37
C GLY B 16 3.12 -42.33 20.25
N ASP B 17 2.80 -41.60 21.32
CA ASP B 17 1.70 -41.99 22.19
C ASP B 17 0.39 -41.45 21.65
N GLN B 18 -0.68 -41.72 22.39
CA GLN B 18 -2.04 -41.39 21.99
C GLN B 18 -2.54 -40.15 22.75
N ALA B 19 -3.29 -39.30 22.06
CA ALA B 19 -3.85 -38.09 22.67
C ALA B 19 -5.37 -38.03 22.47
N SER B 20 -6.06 -37.56 23.50
CA SER B 20 -7.51 -37.44 23.49
C SER B 20 -7.91 -36.11 24.12
N ILE B 21 -8.72 -35.33 23.41
CA ILE B 21 -9.19 -34.03 23.88
C ILE B 21 -10.72 -34.04 23.91
N SER B 22 -11.28 -33.64 25.04
CA SER B 22 -12.73 -33.66 25.25
C SER B 22 -13.35 -32.29 25.15
N CYS B 23 -14.51 -32.22 24.50
CA CYS B 23 -15.28 -31.00 24.42
C CYS B 23 -16.73 -31.27 24.80
N ARG B 24 -17.28 -30.44 25.69
CA ARG B 24 -18.65 -30.58 26.16
C ARG B 24 -19.39 -29.27 25.89
N SER B 25 -20.65 -29.38 25.46
CA SER B 25 -21.51 -28.23 25.23
C SER B 25 -22.57 -28.13 26.33
N SER B 26 -22.89 -26.89 26.71
CA SER B 26 -23.89 -26.63 27.74
C SER B 26 -25.29 -27.07 27.30
N GLN B 27 -25.58 -27.05 26.00
CA GLN B 27 -26.89 -27.45 25.50
C GLN B 27 -26.68 -28.23 24.21
N SER B 28 -27.77 -28.83 23.72
CA SER B 28 -27.71 -29.53 22.46
C SER B 28 -27.23 -28.61 21.34
N ILE B 29 -26.37 -29.14 20.49
CA ILE B 29 -25.87 -28.37 19.35
C ILE B 29 -26.22 -29.12 18.08
N VAL B 30 -27.35 -29.82 18.12
CA VAL B 30 -27.94 -30.39 16.91
C VAL B 30 -28.71 -29.30 16.18
N TYR B 31 -28.39 -29.11 14.91
CA TYR B 31 -29.15 -28.20 14.06
C TYR B 31 -30.46 -28.88 13.67
N SER B 32 -31.41 -28.08 13.18
CA SER B 32 -32.80 -28.54 13.10
C SER B 32 -32.98 -29.81 12.27
N ASN B 33 -32.06 -30.12 11.37
CA ASN B 33 -32.16 -31.34 10.55
C ASN B 33 -31.67 -32.61 11.23
N GLY B 34 -30.99 -32.51 12.37
CA GLY B 34 -30.30 -33.67 12.92
C GLY B 34 -28.82 -33.74 12.57
N ASN B 35 -28.27 -32.73 11.90
CA ASN B 35 -26.84 -32.61 11.68
C ASN B 35 -26.24 -31.77 12.80
N THR B 36 -25.00 -32.07 13.17
CA THR B 36 -24.32 -31.37 14.26
C THR B 36 -23.06 -30.69 13.73
N TYR B 37 -23.02 -29.36 13.80
CA TYR B 37 -21.88 -28.59 13.31
C TYR B 37 -20.84 -28.38 14.42
N LEU B 38 -20.21 -29.50 14.81
CA LEU B 38 -19.11 -29.51 15.75
C LEU B 38 -17.81 -29.59 14.95
N GLU B 39 -16.91 -28.63 15.18
CA GLU B 39 -15.67 -28.53 14.43
C GLU B 39 -14.48 -28.46 15.37
N TRP B 40 -13.31 -28.89 14.86
CA TRP B 40 -12.06 -28.80 15.60
C TRP B 40 -11.05 -27.99 14.79
N TYR B 41 -10.34 -27.09 15.47
CA TYR B 41 -9.34 -26.22 14.87
C TYR B 41 -8.05 -26.31 15.66
N LEU B 42 -6.93 -26.18 14.95
CA LEU B 42 -5.59 -26.17 15.52
C LEU B 42 -4.91 -24.84 15.23
N GLN B 43 -4.26 -24.25 16.24
CA GLN B 43 -3.46 -23.05 16.01
C GLN B 43 -2.07 -23.20 16.61
N ARG B 44 -1.06 -23.25 15.75
CA ARG B 44 0.33 -23.07 16.15
C ARG B 44 0.66 -21.58 16.28
N PRO B 45 1.57 -21.21 17.19
CA PRO B 45 1.88 -19.78 17.37
C PRO B 45 2.46 -19.14 16.10
N GLY B 46 2.09 -17.88 15.88
CA GLY B 46 2.51 -17.16 14.71
C GLY B 46 1.76 -17.51 13.45
N GLN B 47 0.76 -18.39 13.54
CA GLN B 47 0.06 -18.90 12.38
C GLN B 47 -1.44 -18.72 12.56
N SER B 48 -2.16 -18.88 11.47
CA SER B 48 -3.61 -18.84 11.49
C SER B 48 -4.18 -20.17 11.99
N PRO B 49 -5.42 -20.15 12.51
CA PRO B 49 -6.09 -21.40 12.84
C PRO B 49 -6.30 -22.25 11.60
N LYS B 50 -6.30 -23.57 11.77
CA LYS B 50 -6.42 -24.50 10.67
C LYS B 50 -7.55 -25.48 10.97
N LEU B 51 -8.40 -25.73 9.99
CA LEU B 51 -9.51 -26.68 10.17
C LEU B 51 -9.01 -28.11 10.21
N LEU B 52 -9.50 -28.90 11.18
CA LEU B 52 -9.17 -30.33 11.24
C LEU B 52 -10.39 -31.20 10.98
N ILE B 53 -11.45 -31.03 11.77
CA ILE B 53 -12.61 -31.90 11.74
C ILE B 53 -13.86 -31.05 11.56
N TYR B 54 -14.81 -31.54 10.78
CA TYR B 54 -16.10 -30.89 10.67
C TYR B 54 -17.22 -31.92 10.85
N LYS B 55 -18.35 -31.45 11.37
CA LYS B 55 -19.52 -32.27 11.61
C LYS B 55 -19.16 -33.50 12.45
N VAL B 56 -18.50 -33.24 13.57
CA VAL B 56 -18.16 -34.22 14.60
C VAL B 56 -17.01 -35.13 14.16
N SER B 57 -17.15 -35.81 13.01
CA SER B 57 -16.24 -36.89 12.71
C SER B 57 -15.54 -36.85 11.36
N ASN B 58 -15.83 -35.87 10.50
CA ASN B 58 -15.29 -35.85 9.15
C ASN B 58 -13.96 -35.09 9.09
N ARG B 59 -12.98 -35.70 8.43
CA ARG B 59 -11.66 -35.08 8.28
C ARG B 59 -11.66 -34.05 7.16
N PHE B 60 -11.09 -32.89 7.44
CA PHE B 60 -10.85 -31.91 6.39
C PHE B 60 -9.76 -32.43 5.46
N SER B 61 -9.81 -31.98 4.20
CA SER B 61 -8.88 -32.47 3.18
C SER B 61 -7.44 -32.32 3.64
N GLY B 62 -6.68 -33.42 3.56
CA GLY B 62 -5.29 -33.42 3.92
C GLY B 62 -4.98 -33.73 5.37
N VAL B 63 -6.00 -33.93 6.20
CA VAL B 63 -5.76 -34.25 7.62
C VAL B 63 -5.48 -35.75 7.73
N PRO B 64 -4.41 -36.16 8.43
CA PRO B 64 -4.07 -37.58 8.50
C PRO B 64 -5.11 -38.42 9.22
N ASP B 65 -5.20 -39.68 8.82
CA ASP B 65 -6.20 -40.60 9.36
C ASP B 65 -5.97 -40.92 10.83
N ARG B 66 -4.79 -40.63 11.39
CA ARG B 66 -4.59 -40.82 12.82
C ARG B 66 -5.36 -39.79 13.65
N VAL B 67 -5.81 -38.70 13.04
CA VAL B 67 -6.68 -37.75 13.71
C VAL B 67 -8.12 -38.14 13.43
N SER B 68 -8.91 -38.24 14.49
CA SER B 68 -10.32 -38.58 14.29
C SER B 68 -11.15 -37.88 15.35
N GLY B 69 -12.43 -37.70 15.03
CA GLY B 69 -13.36 -37.10 15.95
C GLY B 69 -14.60 -37.95 16.12
N SER B 70 -15.24 -37.80 17.28
CA SER B 70 -16.44 -38.55 17.58
C SER B 70 -17.22 -37.78 18.62
N GLY B 71 -18.48 -38.18 18.82
CA GLY B 71 -19.31 -37.52 19.80
C GLY B 71 -20.75 -38.01 19.82
N SER B 72 -21.35 -38.01 21.00
CA SER B 72 -22.76 -38.35 21.15
C SER B 72 -23.33 -37.50 22.27
N GLY B 73 -24.58 -37.06 22.11
CA GLY B 73 -25.18 -36.16 23.06
C GLY B 73 -24.50 -34.81 23.02
N THR B 74 -23.99 -34.35 24.17
CA THR B 74 -23.24 -33.11 24.24
C THR B 74 -21.74 -33.32 24.46
N ASP B 75 -21.24 -34.56 24.38
CA ASP B 75 -19.83 -34.86 24.56
C ASP B 75 -19.17 -35.20 23.23
N PHE B 76 -18.01 -34.60 23.01
CA PHE B 76 -17.26 -34.74 21.76
C PHE B 76 -15.79 -34.92 22.10
N THR B 77 -15.11 -35.68 21.27
CA THR B 77 -13.71 -35.98 21.52
C THR B 77 -12.90 -35.94 20.23
N LEU B 78 -11.74 -35.31 20.32
CA LEU B 78 -10.74 -35.34 19.27
C LEU B 78 -9.65 -36.29 19.72
N LYS B 79 -9.22 -37.17 18.83
CA LYS B 79 -8.29 -38.22 19.16
C LYS B 79 -7.18 -38.28 18.13
N ILE B 80 -5.95 -38.50 18.61
CA ILE B 80 -4.77 -38.67 17.78
C ILE B 80 -4.12 -39.98 18.19
N SER B 81 -4.18 -40.98 17.31
CA SER B 81 -3.79 -42.33 17.70
C SER B 81 -2.28 -42.45 17.86
N ARG B 82 -1.51 -41.63 17.16
CA ARG B 82 -0.05 -41.61 17.26
C ARG B 82 0.46 -40.17 17.13
N VAL B 83 0.73 -39.52 18.26
CA VAL B 83 1.16 -38.13 18.22
C VAL B 83 2.51 -38.05 17.50
N GLU B 84 2.61 -37.10 16.57
CA GLU B 84 3.83 -36.83 15.84
C GLU B 84 4.29 -35.41 16.16
N ALA B 85 5.48 -35.06 15.71
CA ALA B 85 6.07 -33.78 16.12
C ALA B 85 5.28 -32.58 15.62
N GLU B 86 4.57 -32.70 14.49
CA GLU B 86 3.89 -31.56 13.91
C GLU B 86 2.49 -31.34 14.48
N ASP B 87 2.04 -32.19 15.40
CA ASP B 87 0.73 -32.03 16.01
C ASP B 87 0.68 -30.98 17.13
N LEU B 88 1.83 -30.45 17.55
CA LEU B 88 1.83 -29.48 18.64
C LEU B 88 1.09 -28.21 18.26
N GLY B 89 0.44 -27.61 19.24
CA GLY B 89 -0.32 -26.39 19.05
C GLY B 89 -1.50 -26.38 20.00
N VAL B 90 -2.39 -25.42 19.80
CA VAL B 90 -3.58 -25.28 20.63
C VAL B 90 -4.78 -25.75 19.81
N TYR B 91 -5.49 -26.75 20.34
CA TYR B 91 -6.67 -27.30 19.71
C TYR B 91 -7.92 -26.66 20.30
N TYR B 92 -8.88 -26.33 19.43
CA TYR B 92 -10.13 -25.71 19.84
C TYR B 92 -11.29 -26.50 19.24
N CYS B 93 -12.23 -26.89 20.07
CA CYS B 93 -13.52 -27.27 19.50
C CYS B 93 -14.32 -26.02 19.17
N PHE B 94 -15.25 -26.16 18.24
CA PHE B 94 -16.05 -25.02 17.81
C PHE B 94 -17.47 -25.47 17.54
N GLN B 95 -18.42 -24.69 18.04
CA GLN B 95 -19.84 -24.96 17.88
C GLN B 95 -20.39 -24.03 16.79
N GLY B 96 -20.87 -24.61 15.70
CA GLY B 96 -21.39 -23.81 14.59
C GLY B 96 -22.87 -23.98 14.31
N SER B 97 -23.63 -24.47 15.28
CA SER B 97 -25.05 -24.74 15.06
C SER B 97 -25.94 -23.57 15.42
N HIS B 98 -25.62 -22.87 16.51
CA HIS B 98 -26.50 -21.85 17.07
C HIS B 98 -25.74 -20.54 17.19
N VAL B 99 -26.29 -19.49 16.58
CA VAL B 99 -25.76 -18.14 16.71
C VAL B 99 -26.07 -17.62 18.12
N PRO B 100 -25.12 -17.00 18.83
CA PRO B 100 -23.73 -16.77 18.41
C PRO B 100 -22.84 -18.02 18.51
N TYR B 101 -21.97 -18.21 17.51
CA TYR B 101 -21.08 -19.36 17.51
C TYR B 101 -20.01 -19.21 18.59
N THR B 102 -19.51 -20.34 19.09
CA THR B 102 -18.64 -20.33 20.26
C THR B 102 -17.52 -21.36 20.12
N PHE B 103 -16.38 -21.02 20.71
CA PHE B 103 -15.23 -21.90 20.81
C PHE B 103 -15.11 -22.45 22.23
N GLY B 104 -14.40 -23.58 22.33
CA GLY B 104 -13.91 -24.02 23.63
C GLY B 104 -12.70 -23.20 24.05
N GLY B 105 -12.28 -23.43 25.30
CA GLY B 105 -11.19 -22.64 25.86
C GLY B 105 -9.82 -22.98 25.30
N GLY B 106 -9.69 -24.10 24.60
CA GLY B 106 -8.43 -24.46 24.01
C GLY B 106 -7.69 -25.51 24.83
N THR B 107 -6.95 -26.37 24.14
CA THR B 107 -6.09 -27.37 24.76
C THR B 107 -4.70 -27.26 24.13
N LYS B 108 -3.70 -26.90 24.94
CA LYS B 108 -2.33 -26.84 24.44
C LYS B 108 -1.73 -28.23 24.46
N LEU B 109 -1.37 -28.75 23.28
CA LEU B 109 -0.65 -30.02 23.18
C LEU B 109 0.84 -29.74 23.22
N GLU B 110 1.54 -30.43 24.11
CA GLU B 110 2.98 -30.29 24.29
C GLU B 110 3.65 -31.65 24.16
N ILE B 111 4.71 -31.71 23.36
CA ILE B 111 5.32 -32.97 22.98
C ILE B 111 6.52 -33.27 23.87
N LYS B 112 6.63 -34.52 24.30
CA LYS B 112 7.76 -35.01 25.08
C LYS B 112 8.69 -35.83 24.19
N ARG B 113 9.99 -35.64 24.37
CA ARG B 113 10.98 -36.34 23.58
C ARG B 113 12.20 -36.62 24.46
N THR B 114 13.20 -37.27 23.86
CA THR B 114 14.46 -37.53 24.56
C THR B 114 15.23 -36.25 24.81
N VAL B 115 16.06 -36.28 25.86
CA VAL B 115 16.89 -35.14 26.21
C VAL B 115 17.80 -34.78 25.03
N ALA B 116 17.96 -33.49 24.79
CA ALA B 116 18.88 -32.99 23.77
C ALA B 116 19.62 -31.80 24.35
N ALA B 117 20.94 -31.84 24.28
CA ALA B 117 21.74 -30.78 24.85
C ALA B 117 21.75 -29.55 23.95
N PRO B 118 21.81 -28.34 24.54
CA PRO B 118 21.91 -27.13 23.74
C PRO B 118 23.26 -26.98 23.04
N SER B 119 23.22 -26.34 21.86
CA SER B 119 24.40 -25.73 21.26
C SER B 119 24.45 -24.27 21.69
N VAL B 120 25.58 -23.85 22.24
CA VAL B 120 25.74 -22.54 22.86
C VAL B 120 26.59 -21.67 21.95
N PHE B 121 26.16 -20.43 21.73
CA PHE B 121 26.89 -19.45 20.94
C PHE B 121 26.88 -18.13 21.68
N ILE B 122 27.90 -17.32 21.43
CA ILE B 122 27.96 -15.99 22.02
C ILE B 122 28.31 -14.98 20.93
N PHE B 123 27.69 -13.80 21.03
CA PHE B 123 27.87 -12.72 20.08
C PHE B 123 28.29 -11.47 20.84
N PRO B 124 29.43 -10.87 20.53
CA PRO B 124 29.79 -9.58 21.12
C PRO B 124 28.95 -8.47 20.54
N PRO B 125 28.88 -7.32 21.21
CA PRO B 125 28.13 -6.18 20.65
C PRO B 125 28.77 -5.69 19.35
N SER B 126 27.92 -5.22 18.46
CA SER B 126 28.39 -4.66 17.20
C SER B 126 28.98 -3.26 17.39
N ASP B 127 29.88 -2.89 16.49
CA ASP B 127 30.42 -1.53 16.51
C ASP B 127 29.33 -0.50 16.31
N GLU B 128 28.28 -0.86 15.57
CA GLU B 128 27.20 0.05 15.26
C GLU B 128 26.47 0.46 16.53
N GLN B 129 26.13 -0.53 17.37
CA GLN B 129 25.49 -0.23 18.66
C GLN B 129 26.46 0.45 19.63
N LEU B 130 27.74 0.11 19.59
CA LEU B 130 28.69 0.73 20.50
C LEU B 130 28.82 2.23 20.24
N LYS B 131 28.66 2.66 18.99
CA LYS B 131 28.68 4.09 18.71
C LYS B 131 27.50 4.82 19.33
N SER B 132 26.43 4.11 19.64
CA SER B 132 25.27 4.73 20.28
C SER B 132 25.41 4.80 21.79
N GLY B 133 26.46 4.21 22.36
CA GLY B 133 26.69 4.30 23.78
C GLY B 133 26.21 3.12 24.61
N THR B 134 25.68 2.08 23.98
CA THR B 134 25.22 0.89 24.69
C THR B 134 25.88 -0.34 24.11
N ALA B 135 26.10 -1.35 24.96
CA ALA B 135 26.68 -2.62 24.53
C ALA B 135 25.76 -3.76 24.96
N SER B 136 25.28 -4.54 23.99
CA SER B 136 24.50 -5.75 24.26
C SER B 136 25.28 -6.99 23.83
N VAL B 137 25.44 -7.94 24.75
CA VAL B 137 26.06 -9.23 24.49
C VAL B 137 24.97 -10.29 24.50
N VAL B 138 24.98 -11.18 23.51
CA VAL B 138 23.90 -12.14 23.31
C VAL B 138 24.44 -13.56 23.43
N CYS B 139 23.82 -14.35 24.31
CA CYS B 139 24.10 -15.78 24.46
C CYS B 139 22.92 -16.57 23.91
N LEU B 140 23.22 -17.50 23.01
CA LEU B 140 22.21 -18.29 22.29
C LEU B 140 22.34 -19.77 22.65
N LEU B 141 21.20 -20.40 22.97
CA LEU B 141 21.11 -21.83 23.25
C LEU B 141 20.16 -22.44 22.22
N ASN B 142 20.68 -23.31 21.36
CA ASN B 142 19.92 -23.79 20.21
C ASN B 142 19.48 -25.24 20.39
N ASN B 143 18.19 -25.48 20.18
CA ASN B 143 17.61 -26.83 20.01
C ASN B 143 17.97 -27.77 21.16
N PHE B 144 17.40 -27.48 22.33
CA PHE B 144 17.57 -28.33 23.49
C PHE B 144 16.21 -28.86 23.96
N TYR B 145 16.26 -29.92 24.77
CA TYR B 145 15.11 -30.48 25.45
C TYR B 145 15.64 -31.19 26.68
N PRO B 146 15.00 -31.01 27.86
CA PRO B 146 13.76 -30.25 28.08
C PRO B 146 13.94 -28.74 28.16
N ARG B 147 12.82 -28.06 28.43
CA ARG B 147 12.76 -26.61 28.34
C ARG B 147 13.62 -25.92 29.41
N GLU B 148 13.85 -26.57 30.55
CA GLU B 148 14.55 -25.92 31.66
C GLU B 148 16.03 -25.79 31.35
N ALA B 149 16.55 -24.57 31.41
CA ALA B 149 17.96 -24.32 31.16
C ALA B 149 18.39 -23.11 31.99
N LYS B 150 19.68 -23.05 32.32
CA LYS B 150 20.22 -22.00 33.18
C LYS B 150 21.28 -21.25 32.40
N VAL B 151 21.12 -19.92 32.33
CA VAL B 151 22.11 -19.05 31.73
C VAL B 151 22.61 -18.14 32.85
N GLN B 152 23.92 -18.13 33.06
CA GLN B 152 24.53 -17.23 34.03
C GLN B 152 25.58 -16.40 33.31
N TRP B 153 25.44 -15.08 33.41
CA TRP B 153 26.40 -14.16 32.82
C TRP B 153 27.51 -13.89 33.81
N LYS B 154 28.75 -13.97 33.35
CA LYS B 154 29.92 -13.63 34.14
C LYS B 154 30.72 -12.57 33.39
N VAL B 155 31.06 -11.50 34.09
CA VAL B 155 31.90 -10.44 33.56
C VAL B 155 33.15 -10.38 34.42
N ASP B 156 34.29 -10.74 33.85
CA ASP B 156 35.54 -10.91 34.59
C ASP B 156 35.31 -11.76 35.83
N ASN B 157 34.66 -12.91 35.62
CA ASN B 157 34.42 -13.95 36.61
C ASN B 157 33.39 -13.57 37.68
N ALA B 158 32.91 -12.33 37.67
CA ALA B 158 31.85 -11.92 38.59
C ALA B 158 30.48 -12.26 38.00
N LEU B 159 29.70 -13.05 38.74
CA LEU B 159 28.35 -13.40 38.29
C LEU B 159 27.46 -12.16 38.23
N GLN B 160 26.71 -12.03 37.14
CA GLN B 160 25.85 -10.88 36.92
C GLN B 160 24.43 -11.15 37.40
N SER B 161 23.77 -10.09 37.87
CA SER B 161 22.34 -10.11 38.12
C SER B 161 21.78 -8.73 37.77
N GLY B 162 20.55 -8.73 37.27
CA GLY B 162 19.84 -7.48 37.07
C GLY B 162 20.10 -6.75 35.77
N ASN B 163 20.94 -7.28 34.87
CA ASN B 163 21.25 -6.57 33.63
C ASN B 163 21.03 -7.42 32.39
N SER B 164 20.28 -8.51 32.49
CA SER B 164 20.07 -9.39 31.35
C SER B 164 18.59 -9.69 31.19
N GLN B 165 18.21 -10.08 29.97
CA GLN B 165 16.88 -10.58 29.69
C GLN B 165 16.99 -11.76 28.75
N GLU B 166 16.04 -12.69 28.86
CA GLU B 166 16.02 -13.87 28.03
C GLU B 166 14.60 -14.17 27.61
N SER B 167 14.46 -14.95 26.54
CA SER B 167 13.16 -15.52 26.19
C SER B 167 13.37 -16.83 25.46
N VAL B 168 12.36 -17.70 25.54
CA VAL B 168 12.42 -19.06 25.00
C VAL B 168 11.45 -19.15 23.83
N THR B 169 11.87 -19.85 22.78
CA THR B 169 10.97 -20.09 21.64
C THR B 169 9.85 -21.04 22.04
N GLU B 170 8.82 -21.07 21.21
CA GLU B 170 7.83 -22.12 21.29
C GLU B 170 8.48 -23.44 20.87
N GLN B 171 7.87 -24.55 21.27
CA GLN B 171 8.42 -25.85 20.90
C GLN B 171 8.50 -25.99 19.38
N ASP B 172 9.62 -26.51 18.91
CA ASP B 172 9.85 -26.64 17.47
C ASP B 172 8.95 -27.74 16.90
N SER B 173 8.38 -27.48 15.72
CA SER B 173 7.39 -28.40 15.17
C SER B 173 8.00 -29.58 14.43
N LYS B 174 9.31 -29.63 14.18
CA LYS B 174 9.89 -30.81 13.55
C LYS B 174 10.80 -31.62 14.45
N ASP B 175 11.56 -31.01 15.36
CA ASP B 175 12.41 -31.80 16.24
C ASP B 175 12.03 -31.68 17.70
N SER B 176 10.92 -31.00 18.00
CA SER B 176 10.34 -30.89 19.35
C SER B 176 11.30 -30.29 20.37
N THR B 177 12.27 -29.48 19.94
CA THR B 177 13.18 -28.83 20.87
C THR B 177 12.72 -27.40 21.14
N TYR B 178 13.44 -26.75 22.04
CA TYR B 178 13.30 -25.33 22.32
C TYR B 178 14.64 -24.65 22.12
N SER B 179 14.58 -23.33 21.96
CA SER B 179 15.76 -22.49 21.91
C SER B 179 15.57 -21.28 22.82
N LEU B 180 16.69 -20.74 23.29
CA LEU B 180 16.67 -19.63 24.23
C LEU B 180 17.70 -18.61 23.79
N SER B 181 17.32 -17.34 23.87
CA SER B 181 18.20 -16.22 23.60
C SER B 181 18.28 -15.36 24.86
N SER B 182 19.51 -15.05 25.29
CA SER B 182 19.70 -14.21 26.47
C SER B 182 20.58 -13.03 26.08
N THR B 183 20.18 -11.83 26.52
CA THR B 183 20.85 -10.59 26.15
C THR B 183 21.35 -9.90 27.41
N LEU B 184 22.67 -9.66 27.46
CA LEU B 184 23.28 -8.87 28.52
C LEU B 184 23.57 -7.47 27.99
N THR B 185 22.97 -6.47 28.62
CA THR B 185 23.07 -5.10 28.15
C THR B 185 23.76 -4.23 29.21
N LEU B 186 24.83 -3.55 28.80
CA LEU B 186 25.52 -2.61 29.66
C LEU B 186 25.72 -1.29 28.91
N SER B 187 25.98 -0.24 29.68
CA SER B 187 26.46 1.00 29.10
C SER B 187 27.81 0.77 28.42
N LYS B 188 28.10 1.54 27.37
CA LYS B 188 29.40 1.41 26.73
C LYS B 188 30.53 1.69 27.73
N ALA B 189 30.30 2.60 28.67
CA ALA B 189 31.32 2.88 29.68
C ALA B 189 31.62 1.63 30.52
N ASP B 190 30.58 0.99 31.06
CA ASP B 190 30.79 -0.23 31.84
C ASP B 190 31.38 -1.35 30.98
N TYR B 191 30.99 -1.43 29.71
CA TYR B 191 31.47 -2.51 28.88
C TYR B 191 32.99 -2.41 28.67
N GLU B 192 33.52 -1.20 28.52
CA GLU B 192 34.93 -1.00 28.26
C GLU B 192 35.75 -1.01 29.54
N LYS B 193 35.05 -1.30 30.65
CA LYS B 193 35.48 -1.45 32.04
C LYS B 193 35.83 -2.87 32.42
N HIS B 194 35.77 -3.81 31.48
CA HIS B 194 36.06 -5.20 31.77
C HIS B 194 36.57 -5.88 30.51
N LYS B 195 37.16 -7.06 30.69
CA LYS B 195 37.80 -7.76 29.58
C LYS B 195 37.07 -9.02 29.14
N VAL B 196 36.68 -9.89 30.07
CA VAL B 196 36.16 -11.22 29.72
C VAL B 196 34.65 -11.27 29.92
N TYR B 197 33.94 -11.66 28.86
CA TYR B 197 32.48 -11.79 28.87
C TYR B 197 32.09 -13.24 28.60
N ALA B 198 31.38 -13.85 29.53
CA ALA B 198 31.08 -15.28 29.46
C ALA B 198 29.62 -15.53 29.84
N CYS B 199 28.99 -16.49 29.16
CA CYS B 199 27.73 -17.04 29.63
C CYS B 199 27.95 -18.52 29.91
N GLU B 200 27.58 -18.94 31.12
CA GLU B 200 27.71 -20.32 31.54
C GLU B 200 26.33 -20.96 31.43
N VAL B 201 26.29 -22.16 30.83
CA VAL B 201 25.05 -22.81 30.48
C VAL B 201 24.97 -24.15 31.20
N THR B 202 23.89 -24.35 31.95
CA THR B 202 23.61 -25.61 32.61
C THR B 202 22.34 -26.21 32.03
N HIS B 203 22.37 -27.51 31.73
CA HIS B 203 21.23 -28.18 31.14
C HIS B 203 21.41 -29.68 31.35
N GLN B 204 20.27 -30.39 31.40
CA GLN B 204 20.31 -31.83 31.70
C GLN B 204 21.12 -32.61 30.67
N GLY B 205 21.22 -32.12 29.44
CA GLY B 205 21.97 -32.83 28.42
C GLY B 205 23.46 -32.60 28.43
N LEU B 206 23.94 -31.68 29.26
CA LEU B 206 25.38 -31.43 29.41
C LEU B 206 25.85 -32.10 30.70
N SER B 207 26.97 -32.83 30.61
CA SER B 207 27.51 -33.48 31.80
C SER B 207 28.07 -32.47 32.79
N SER B 208 28.52 -31.32 32.30
CA SER B 208 29.01 -30.23 33.15
C SER B 208 28.72 -28.93 32.43
N PRO B 209 28.70 -27.80 33.15
CA PRO B 209 28.31 -26.55 32.50
C PRO B 209 29.25 -26.18 31.36
N VAL B 210 28.67 -25.54 30.35
CA VAL B 210 29.39 -25.13 29.15
C VAL B 210 29.52 -23.62 29.19
N THR B 211 30.75 -23.13 29.01
CA THR B 211 31.03 -21.70 29.02
C THR B 211 31.42 -21.27 27.62
N LYS B 212 30.78 -20.20 27.14
CA LYS B 212 31.21 -19.54 25.92
C LYS B 212 31.62 -18.13 26.29
N SER B 213 32.81 -17.71 25.86
CA SER B 213 33.36 -16.44 26.30
C SER B 213 34.22 -15.82 25.22
N PHE B 214 34.51 -14.54 25.40
CA PHE B 214 35.43 -13.80 24.54
C PHE B 214 36.08 -12.70 25.36
N ASN B 215 37.27 -12.29 24.94
CA ASN B 215 37.97 -11.18 25.57
C ASN B 215 37.72 -9.93 24.76
N ARG B 216 37.28 -8.86 25.41
CA ARG B 216 37.00 -7.62 24.68
C ARG B 216 38.26 -7.12 24.00
N GLY B 217 38.15 -6.76 22.73
CA GLY B 217 39.34 -6.49 21.94
C GLY B 217 40.06 -7.71 21.42
N GLU B 218 39.40 -8.87 21.38
CA GLU B 218 40.02 -10.13 20.97
C GLU B 218 41.28 -10.39 21.79
N ALA C 1 -19.65 -24.34 10.12
CA ALA C 1 -20.85 -23.72 10.67
C ALA C 1 -22.02 -23.70 9.67
N VAL C 2 -23.23 -23.51 10.21
CA VAL C 2 -24.40 -23.34 9.38
C VAL C 2 -24.30 -22.05 8.56
N GLY C 3 -23.94 -20.95 9.22
CA GLY C 3 -23.89 -19.62 8.64
C GLY C 3 -25.03 -18.77 9.17
N ILE C 4 -24.76 -17.48 9.37
CA ILE C 4 -25.75 -16.56 9.92
C ILE C 4 -26.88 -16.29 8.93
N GLY C 5 -26.69 -16.59 7.64
CA GLY C 5 -27.73 -16.35 6.68
C GLY C 5 -28.78 -17.43 6.53
N ALA C 6 -28.64 -18.56 7.21
CA ALA C 6 -29.62 -19.63 7.04
C ALA C 6 -30.91 -19.32 7.79
N GLN D 1 14.85 2.19 -25.39
CA GLN D 1 14.91 3.46 -24.65
C GLN D 1 14.86 3.23 -23.13
N VAL D 2 15.28 4.26 -22.39
CA VAL D 2 15.08 4.31 -20.95
C VAL D 2 13.60 4.49 -20.63
N GLN D 3 13.12 3.81 -19.59
CA GLN D 3 11.73 3.91 -19.18
C GLN D 3 11.61 3.77 -17.67
N LEU D 4 10.68 4.52 -17.10
CA LEU D 4 10.25 4.35 -15.71
C LEU D 4 8.75 4.08 -15.72
N GLN D 5 8.36 2.85 -15.41
CA GLN D 5 6.95 2.44 -15.48
C GLN D 5 6.39 2.37 -14.06
N GLN D 6 5.38 3.19 -13.79
CA GLN D 6 4.78 3.28 -12.47
C GLN D 6 3.47 2.51 -12.41
N SER D 7 3.12 2.09 -11.20
CA SER D 7 1.91 1.31 -10.97
C SER D 7 0.67 2.16 -11.21
N GLY D 8 -0.47 1.48 -11.35
CA GLY D 8 -1.68 2.17 -11.76
C GLY D 8 -2.39 2.89 -10.63
N ALA D 9 -3.40 3.66 -11.03
CA ALA D 9 -4.08 4.56 -10.12
C ALA D 9 -4.77 3.79 -8.99
N GLU D 10 -4.76 4.38 -7.79
CA GLU D 10 -5.24 3.71 -6.61
C GLU D 10 -6.40 4.48 -5.98
N LEU D 11 -7.33 3.72 -5.42
CA LEU D 11 -8.35 4.24 -4.50
C LEU D 11 -8.09 3.59 -3.15
N VAL D 12 -7.80 4.42 -2.14
CA VAL D 12 -7.41 3.93 -0.81
C VAL D 12 -8.31 4.56 0.24
N ARG D 13 -8.80 3.75 1.16
CA ARG D 13 -9.63 4.27 2.25
C ARG D 13 -8.78 5.01 3.28
N PRO D 14 -9.37 5.96 4.00
CA PRO D 14 -8.59 6.70 4.99
C PRO D 14 -8.06 5.76 6.05
N GLY D 15 -6.82 6.00 6.48
CA GLY D 15 -6.17 5.16 7.46
C GLY D 15 -5.57 3.88 6.91
N ALA D 16 -5.78 3.57 5.64
CA ALA D 16 -5.23 2.38 5.04
C ALA D 16 -3.83 2.67 4.52
N SER D 17 -3.21 1.70 3.84
CA SER D 17 -1.88 1.85 3.32
C SER D 17 -1.89 1.45 1.86
N VAL D 18 -0.89 1.91 1.12
CA VAL D 18 -0.75 1.56 -0.29
C VAL D 18 0.73 1.52 -0.62
N THR D 19 1.09 0.65 -1.56
CA THR D 19 2.46 0.54 -2.05
C THR D 19 2.50 0.97 -3.51
N LEU D 20 3.33 1.95 -3.81
CA LEU D 20 3.54 2.43 -5.17
C LEU D 20 4.84 1.82 -5.70
N SER D 21 4.83 1.45 -6.97
CA SER D 21 5.99 0.82 -7.58
C SER D 21 6.45 1.63 -8.79
N CYS D 22 7.75 1.51 -9.07
CA CYS D 22 8.39 2.24 -10.17
C CYS D 22 9.47 1.32 -10.73
N LYS D 23 9.23 0.75 -11.91
CA LYS D 23 10.14 -0.22 -12.52
C LYS D 23 11.01 0.46 -13.56
N ALA D 24 12.32 0.30 -13.41
CA ALA D 24 13.30 0.87 -14.33
C ALA D 24 13.58 -0.08 -15.48
N SER D 25 13.84 0.50 -16.65
CA SER D 25 14.07 -0.28 -17.86
C SER D 25 15.03 0.48 -18.77
N GLY D 26 15.91 -0.27 -19.44
CA GLY D 26 16.83 0.32 -20.40
C GLY D 26 18.08 0.94 -19.82
N TYR D 27 18.36 0.73 -18.53
CA TYR D 27 19.59 1.20 -17.94
C TYR D 27 19.88 0.38 -16.69
N THR D 28 21.10 0.51 -16.18
CA THR D 28 21.49 -0.25 -15.00
C THR D 28 20.83 0.37 -13.77
N PHE D 29 19.99 -0.43 -13.10
CA PHE D 29 19.16 0.10 -12.02
C PHE D 29 19.99 0.66 -10.87
N THR D 30 21.13 0.02 -10.57
CA THR D 30 21.94 0.40 -9.42
C THR D 30 22.81 1.64 -9.68
N ASP D 31 22.94 2.09 -10.92
CA ASP D 31 23.79 3.23 -11.22
C ASP D 31 23.12 4.58 -10.94
N TYR D 32 21.83 4.59 -10.62
CA TYR D 32 21.12 5.83 -10.38
C TYR D 32 20.35 5.75 -9.06
N GLU D 33 20.24 6.90 -8.40
CA GLU D 33 19.30 7.04 -7.30
C GLU D 33 17.88 7.14 -7.85
N MET D 34 16.91 6.77 -7.02
CA MET D 34 15.50 6.93 -7.35
C MET D 34 14.86 7.91 -6.38
N HIS D 35 14.27 8.97 -6.92
CA HIS D 35 13.65 10.05 -6.15
C HIS D 35 12.14 10.03 -6.37
N TRP D 36 11.39 10.47 -5.37
CA TRP D 36 9.94 10.50 -5.41
C TRP D 36 9.44 11.92 -5.18
N VAL D 37 8.40 12.29 -5.94
CA VAL D 37 7.89 13.66 -5.96
C VAL D 37 6.37 13.61 -5.91
N LYS D 38 5.78 14.39 -4.99
CA LYS D 38 4.34 14.50 -4.85
C LYS D 38 3.85 15.74 -5.59
N GLN D 39 2.72 15.63 -6.28
CA GLN D 39 2.18 16.76 -7.01
C GLN D 39 0.70 16.89 -6.71
N THR D 40 0.30 18.09 -6.25
CA THR D 40 -1.06 18.48 -5.99
C THR D 40 -1.32 19.86 -6.58
N PRO D 41 -2.58 20.17 -6.90
CA PRO D 41 -2.92 21.55 -7.30
C PRO D 41 -2.62 22.58 -6.23
N VAL D 42 -2.71 22.21 -4.95
CA VAL D 42 -2.60 23.19 -3.89
C VAL D 42 -1.16 23.47 -3.48
N HIS D 43 -0.28 22.47 -3.54
CA HIS D 43 1.12 22.64 -3.13
C HIS D 43 2.10 22.37 -4.26
N GLY D 44 1.63 22.15 -5.50
CA GLY D 44 2.55 21.93 -6.61
C GLY D 44 3.43 20.71 -6.39
N LEU D 45 4.73 20.88 -6.68
CA LEU D 45 5.70 19.79 -6.59
C LEU D 45 6.41 19.78 -5.24
N GLU D 46 6.47 18.60 -4.62
CA GLU D 46 7.18 18.41 -3.37
C GLU D 46 8.14 17.23 -3.50
N TRP D 47 9.41 17.46 -3.17
CA TRP D 47 10.34 16.36 -3.03
C TRP D 47 9.99 15.56 -1.79
N ILE D 48 9.82 14.25 -1.95
CA ILE D 48 9.50 13.39 -0.80
C ILE D 48 10.75 12.82 -0.17
N GLY D 49 11.68 12.37 -1.00
CA GLY D 49 12.85 11.68 -0.53
C GLY D 49 13.40 10.80 -1.63
N ALA D 50 14.47 10.09 -1.30
CA ALA D 50 15.15 9.29 -2.29
C ALA D 50 15.78 8.08 -1.61
N ILE D 51 16.14 7.11 -2.44
CA ILE D 51 16.83 5.90 -2.01
C ILE D 51 17.98 5.65 -2.97
N VAL D 52 19.10 5.15 -2.44
CA VAL D 52 20.21 4.67 -3.26
C VAL D 52 20.04 3.15 -3.39
N PRO D 53 19.69 2.64 -4.57
CA PRO D 53 19.45 1.18 -4.67
C PRO D 53 20.64 0.34 -4.29
N GLU D 54 21.86 0.81 -4.58
CA GLU D 54 23.03 -0.04 -4.37
C GLU D 54 23.30 -0.28 -2.89
N THR D 55 22.93 0.67 -2.03
CA THR D 55 23.16 0.56 -0.60
C THR D 55 21.90 0.54 0.24
N GLY D 56 20.76 0.94 -0.30
CA GLY D 56 19.55 1.01 0.48
C GLY D 56 19.46 2.24 1.35
N PHE D 57 20.43 3.15 1.26
CA PHE D 57 20.41 4.37 2.04
C PHE D 57 19.28 5.28 1.56
N THR D 58 18.59 5.91 2.51
CA THR D 58 17.44 6.75 2.19
C THR D 58 17.54 8.09 2.92
N ALA D 59 16.82 9.07 2.39
CA ALA D 59 16.68 10.37 3.02
C ALA D 59 15.31 10.93 2.68
N TYR D 60 14.77 11.75 3.57
CA TYR D 60 13.41 12.26 3.43
C TYR D 60 13.37 13.71 3.91
N THR D 61 12.47 14.50 3.31
CA THR D 61 12.07 15.74 3.96
C THR D 61 11.22 15.43 5.18
N GLN D 62 11.34 16.29 6.20
CA GLN D 62 10.87 15.95 7.54
C GLN D 62 9.38 15.61 7.58
N LYS D 63 8.55 16.33 6.82
CA LYS D 63 7.11 16.09 6.95
C LYS D 63 6.68 14.73 6.40
N PHE D 64 7.45 14.13 5.50
CA PHE D 64 7.09 12.82 4.97
C PHE D 64 7.68 11.65 5.75
N LYS D 65 8.52 11.91 6.74
CA LYS D 65 9.05 10.81 7.56
C LYS D 65 7.93 10.15 8.34
N GLY D 66 7.89 8.82 8.31
CA GLY D 66 6.82 8.08 8.93
C GLY D 66 5.56 7.96 8.09
N LYS D 67 5.45 8.74 7.02
CA LYS D 67 4.36 8.65 6.06
C LYS D 67 4.74 7.87 4.80
N ALA D 68 5.96 8.10 4.30
CA ALA D 68 6.51 7.38 3.17
C ALA D 68 7.66 6.49 3.63
N MET D 69 7.76 5.31 3.01
CA MET D 69 8.87 4.38 3.22
C MET D 69 9.36 3.89 1.86
N LEU D 70 10.62 4.15 1.57
CA LEU D 70 11.19 3.81 0.26
C LEU D 70 12.03 2.54 0.36
N THR D 71 11.86 1.66 -0.64
CA THR D 71 12.64 0.44 -0.78
C THR D 71 12.99 0.21 -2.25
N ALA D 72 13.97 -0.65 -2.47
CA ALA D 72 14.40 -1.02 -3.81
C ALA D 72 14.70 -2.51 -3.87
N ASP D 73 14.37 -3.12 -5.00
CA ASP D 73 14.59 -4.54 -5.26
C ASP D 73 15.55 -4.64 -6.44
N LYS D 74 16.80 -4.99 -6.14
CA LYS D 74 17.80 -5.07 -7.21
C LYS D 74 17.48 -6.15 -8.22
N SER D 75 16.86 -7.26 -7.80
CA SER D 75 16.60 -8.32 -8.76
C SER D 75 15.56 -7.91 -9.80
N SER D 76 14.63 -7.04 -9.43
CA SER D 76 13.54 -6.65 -10.32
C SER D 76 13.63 -5.22 -10.83
N SER D 77 14.68 -4.49 -10.48
CA SER D 77 14.87 -3.10 -10.92
C SER D 77 13.64 -2.26 -10.61
N THR D 78 13.05 -2.46 -9.43
CA THR D 78 11.83 -1.77 -9.04
C THR D 78 12.06 -1.06 -7.71
N ALA D 79 11.79 0.25 -7.71
CA ALA D 79 11.72 0.99 -6.46
C ALA D 79 10.28 0.99 -5.98
N TYR D 80 10.10 0.99 -4.65
CA TYR D 80 8.78 0.96 -4.05
C TYR D 80 8.67 2.07 -3.03
N MET D 81 7.48 2.68 -2.94
CA MET D 81 7.16 3.61 -1.87
C MET D 81 5.87 3.16 -1.20
N GLU D 82 5.93 2.87 0.10
CA GLU D 82 4.74 2.56 0.87
C GLU D 82 4.30 3.81 1.63
N LEU D 83 3.03 4.19 1.47
CA LEU D 83 2.43 5.32 2.15
C LEU D 83 1.45 4.76 3.19
N ARG D 84 1.53 5.24 4.43
CA ARG D 84 0.81 4.58 5.51
C ARG D 84 -0.22 5.51 6.15
N SER D 85 -1.34 4.90 6.57
CA SER D 85 -2.42 5.57 7.29
C SER D 85 -2.82 6.89 6.61
N LEU D 86 -3.35 6.73 5.40
CA LEU D 86 -3.61 7.87 4.54
C LEU D 86 -4.77 8.72 5.04
N THR D 87 -4.63 10.03 4.84
CA THR D 87 -5.66 11.03 5.08
C THR D 87 -6.00 11.71 3.75
N SER D 88 -6.99 12.60 3.78
CA SER D 88 -7.43 13.26 2.56
C SER D 88 -6.32 14.10 1.93
N GLU D 89 -5.32 14.49 2.72
CA GLU D 89 -4.19 15.26 2.25
C GLU D 89 -3.14 14.41 1.53
N ASP D 90 -3.28 13.08 1.56
CA ASP D 90 -2.41 12.21 0.79
C ASP D 90 -2.88 11.96 -0.64
N SER D 91 -4.11 12.39 -1.00
CA SER D 91 -4.55 12.34 -2.39
C SER D 91 -3.65 13.22 -3.26
N ALA D 92 -3.06 12.61 -4.30
CA ALA D 92 -2.11 13.34 -5.15
C ALA D 92 -1.73 12.45 -6.33
N VAL D 93 -0.82 12.98 -7.15
CA VAL D 93 -0.12 12.21 -8.17
C VAL D 93 1.33 12.11 -7.73
N TYR D 94 1.86 10.88 -7.72
CA TYR D 94 3.21 10.63 -7.25
C TYR D 94 4.09 10.18 -8.41
N PHE D 95 5.26 10.82 -8.53
CA PHE D 95 6.22 10.50 -9.58
C PHE D 95 7.49 9.91 -8.97
N CYS D 96 8.13 9.04 -9.73
CA CYS D 96 9.51 8.63 -9.49
C CYS D 96 10.38 9.23 -10.59
N SER D 97 11.64 9.48 -10.25
CA SER D 97 12.60 9.99 -11.22
C SER D 97 13.97 9.48 -10.83
N ARG D 98 14.79 9.15 -11.83
CA ARG D 98 16.13 8.66 -11.60
C ARG D 98 17.12 9.81 -11.46
N LEU D 99 18.25 9.54 -10.79
CA LEU D 99 19.29 10.55 -10.64
C LEU D 99 20.66 9.88 -10.54
N ARG D 100 21.48 10.08 -11.56
CA ARG D 100 22.91 9.82 -11.46
C ARG D 100 23.55 10.91 -10.60
N LEU D 101 24.56 10.52 -9.81
CA LEU D 101 25.16 11.45 -8.85
C LEU D 101 25.71 12.68 -9.57
N TYR D 102 25.40 13.86 -9.03
CA TYR D 102 25.77 15.18 -9.54
C TYR D 102 25.11 15.55 -10.87
N TRP D 103 24.08 14.84 -11.29
CA TRP D 103 23.42 15.08 -12.57
C TRP D 103 22.05 15.71 -12.32
N TYR D 104 20.96 15.18 -12.86
CA TYR D 104 19.66 15.86 -12.83
C TYR D 104 18.55 14.84 -13.08
N PHE D 105 17.30 15.31 -12.93
CA PHE D 105 16.12 14.48 -13.16
C PHE D 105 15.79 14.45 -14.66
N ASP D 106 16.50 13.59 -15.39
CA ASP D 106 16.35 13.56 -16.84
C ASP D 106 15.22 12.67 -17.31
N VAL D 107 14.90 11.60 -16.59
CA VAL D 107 13.82 10.69 -16.95
C VAL D 107 12.84 10.60 -15.79
N TRP D 108 11.56 10.76 -16.09
CA TRP D 108 10.51 10.75 -15.09
C TRP D 108 9.54 9.60 -15.35
N GLY D 109 8.93 9.10 -14.27
CA GLY D 109 7.95 8.05 -14.39
C GLY D 109 6.60 8.54 -14.90
N THR D 110 5.72 7.58 -15.21
CA THR D 110 4.39 7.88 -15.71
C THR D 110 3.55 8.67 -14.72
N GLY D 111 3.75 8.44 -13.42
CA GLY D 111 2.93 9.07 -12.40
C GLY D 111 1.85 8.14 -11.90
N THR D 112 1.56 8.17 -10.60
CA THR D 112 0.54 7.32 -10.01
C THR D 112 -0.43 8.19 -9.24
N THR D 113 -1.70 8.14 -9.62
CA THR D 113 -2.74 8.91 -8.94
C THR D 113 -3.28 8.11 -7.75
N VAL D 114 -3.30 8.74 -6.58
CA VAL D 114 -3.85 8.14 -5.36
C VAL D 114 -5.02 9.00 -4.89
N THR D 115 -6.17 8.37 -4.69
CA THR D 115 -7.34 9.04 -4.14
C THR D 115 -7.70 8.37 -2.82
N VAL D 116 -7.61 9.13 -1.73
CA VAL D 116 -8.01 8.66 -0.42
C VAL D 116 -9.50 8.96 -0.27
N SER D 117 -10.31 7.91 -0.20
CA SER D 117 -11.75 8.09 -0.07
C SER D 117 -12.37 6.83 0.52
N SER D 118 -13.41 7.05 1.31
CA SER D 118 -14.21 5.96 1.86
C SER D 118 -15.26 5.43 0.88
N ALA D 119 -15.50 6.13 -0.22
CA ALA D 119 -16.49 5.68 -1.21
C ALA D 119 -15.92 4.52 -2.02
N SER D 120 -16.83 3.66 -2.50
CA SER D 120 -16.44 2.51 -3.30
C SER D 120 -16.15 2.92 -4.74
N THR D 121 -15.29 2.14 -5.41
CA THR D 121 -15.00 2.40 -6.81
C THR D 121 -16.21 2.09 -7.68
N LYS D 122 -16.30 2.79 -8.81
CA LYS D 122 -17.32 2.51 -9.81
C LYS D 122 -16.72 2.75 -11.19
N GLY D 123 -16.86 1.76 -12.07
CA GLY D 123 -16.42 1.91 -13.45
C GLY D 123 -17.36 2.74 -14.30
N PRO D 124 -16.83 3.37 -15.34
CA PRO D 124 -17.64 4.25 -16.18
C PRO D 124 -18.52 3.50 -17.16
N SER D 125 -19.63 4.13 -17.53
CA SER D 125 -20.31 3.81 -18.78
C SER D 125 -19.70 4.64 -19.90
N VAL D 126 -19.68 4.09 -21.10
CA VAL D 126 -19.08 4.74 -22.25
C VAL D 126 -20.13 4.85 -23.34
N PHE D 127 -20.49 6.08 -23.71
CA PHE D 127 -21.49 6.29 -24.73
C PHE D 127 -20.89 7.05 -25.91
N PRO D 128 -21.20 6.63 -27.14
CA PRO D 128 -20.73 7.36 -28.30
C PRO D 128 -21.32 8.77 -28.38
N LEU D 129 -20.51 9.68 -28.88
CA LEU D 129 -20.95 10.99 -29.33
C LEU D 129 -20.90 10.91 -30.86
N ALA D 130 -21.99 10.42 -31.45
CA ALA D 130 -21.99 10.02 -32.85
C ALA D 130 -21.90 11.24 -33.77
N PRO D 131 -21.04 11.20 -34.79
CA PRO D 131 -21.01 12.30 -35.77
C PRO D 131 -22.33 12.37 -36.55
N SER D 132 -22.73 13.59 -36.88
CA SER D 132 -23.94 13.83 -37.65
C SER D 132 -23.80 15.15 -38.38
N SER D 133 -24.86 15.54 -39.10
CA SER D 133 -24.84 16.85 -39.73
C SER D 133 -24.77 17.97 -38.69
N LYS D 134 -25.18 17.68 -37.45
CA LYS D 134 -25.14 18.65 -36.37
C LYS D 134 -23.76 18.76 -35.71
N SER D 135 -22.79 17.94 -36.10
CA SER D 135 -21.43 18.07 -35.59
C SER D 135 -20.41 18.15 -36.72
N THR D 136 -20.74 18.83 -37.82
CA THR D 136 -19.78 19.08 -38.89
C THR D 136 -19.52 20.57 -39.01
N SER D 137 -18.28 20.91 -39.37
CA SER D 137 -17.88 22.29 -39.56
C SER D 137 -16.73 22.34 -40.55
N GLY D 138 -16.94 23.01 -41.68
CA GLY D 138 -15.86 23.24 -42.63
C GLY D 138 -15.28 21.99 -43.25
N GLY D 139 -16.12 20.99 -43.53
CA GLY D 139 -15.64 19.74 -44.09
C GLY D 139 -15.02 18.78 -43.10
N THR D 140 -15.14 19.07 -41.80
CA THR D 140 -14.61 18.22 -40.74
C THR D 140 -15.78 17.76 -39.89
N ALA D 141 -15.61 16.64 -39.22
CA ALA D 141 -16.63 16.10 -38.34
C ALA D 141 -16.05 15.91 -36.95
N ALA D 142 -16.84 16.25 -35.94
CA ALA D 142 -16.49 15.97 -34.55
C ALA D 142 -17.26 14.74 -34.10
N LEU D 143 -16.57 13.89 -33.34
CA LEU D 143 -17.15 12.69 -32.77
C LEU D 143 -16.38 12.38 -31.50
N GLY D 144 -16.94 11.53 -30.66
CA GLY D 144 -16.31 11.30 -29.39
C GLY D 144 -16.99 10.26 -28.54
N CYS D 145 -16.61 10.25 -27.28
CA CYS D 145 -17.13 9.32 -26.30
C CYS D 145 -17.45 10.09 -25.04
N LEU D 146 -18.62 9.79 -24.47
CA LEU D 146 -19.03 10.30 -23.17
C LEU D 146 -18.73 9.21 -22.15
N VAL D 147 -17.76 9.48 -21.28
CA VAL D 147 -17.35 8.55 -20.22
C VAL D 147 -17.99 9.06 -18.95
N LYS D 148 -19.00 8.35 -18.45
CA LYS D 148 -19.92 8.90 -17.46
C LYS D 148 -20.05 7.99 -16.26
N ASP D 149 -20.21 8.61 -15.08
CA ASP D 149 -20.59 7.94 -13.84
C ASP D 149 -19.52 6.97 -13.34
N TYR D 150 -18.31 7.46 -13.12
CA TYR D 150 -17.22 6.66 -12.57
C TYR D 150 -16.63 7.35 -11.36
N PHE D 151 -15.99 6.54 -10.51
CA PHE D 151 -15.27 7.00 -9.32
C PHE D 151 -14.18 6.02 -8.96
N PRO D 152 -12.98 6.49 -8.59
CA PRO D 152 -12.63 7.92 -8.66
C PRO D 152 -11.94 8.25 -9.97
N GLU D 153 -11.30 9.42 -10.00
CA GLU D 153 -10.38 9.75 -11.06
C GLU D 153 -9.10 8.93 -10.89
N PRO D 154 -8.34 8.72 -11.99
CA PRO D 154 -8.63 9.16 -13.35
C PRO D 154 -9.08 8.03 -14.28
N VAL D 155 -9.55 8.39 -15.46
CA VAL D 155 -9.65 7.46 -16.58
C VAL D 155 -8.60 7.86 -17.61
N THR D 156 -8.03 6.86 -18.27
CA THR D 156 -7.23 7.14 -19.46
C THR D 156 -8.08 6.83 -20.69
N VAL D 157 -7.99 7.70 -21.68
CA VAL D 157 -8.75 7.55 -22.91
C VAL D 157 -7.77 7.62 -24.07
N SER D 158 -7.83 6.63 -24.96
CA SER D 158 -7.06 6.67 -26.17
C SER D 158 -7.98 6.35 -27.34
N TRP D 159 -7.50 6.66 -28.54
CA TRP D 159 -8.30 6.49 -29.75
C TRP D 159 -7.55 5.58 -30.72
N ASN D 160 -8.24 4.54 -31.18
CA ASN D 160 -7.67 3.54 -32.09
C ASN D 160 -6.37 2.97 -31.53
N SER D 161 -6.44 2.56 -30.26
CA SER D 161 -5.31 1.93 -29.57
C SER D 161 -4.05 2.80 -29.61
N GLY D 162 -4.23 4.11 -29.57
CA GLY D 162 -3.13 5.04 -29.60
C GLY D 162 -2.70 5.48 -30.98
N ALA D 163 -3.28 4.88 -32.03
CA ALA D 163 -2.96 5.28 -33.40
C ALA D 163 -3.49 6.67 -33.74
N LEU D 164 -4.45 7.18 -32.97
CA LEU D 164 -5.06 8.49 -33.21
C LEU D 164 -4.72 9.38 -32.02
N THR D 165 -3.90 10.40 -32.25
CA THR D 165 -3.60 11.39 -31.22
C THR D 165 -3.88 12.80 -31.72
N SER D 166 -3.70 13.03 -33.02
CA SER D 166 -3.89 14.36 -33.58
C SER D 166 -5.35 14.78 -33.48
N GLY D 167 -5.58 16.03 -33.04
CA GLY D 167 -6.93 16.57 -33.01
C GLY D 167 -7.83 16.08 -31.90
N VAL D 168 -7.27 15.44 -30.86
CA VAL D 168 -8.06 14.91 -29.77
C VAL D 168 -8.21 15.95 -28.67
N HIS D 169 -9.42 16.12 -28.16
CA HIS D 169 -9.68 16.90 -26.96
C HIS D 169 -10.33 15.99 -25.92
N THR D 170 -9.58 15.66 -24.88
CA THR D 170 -10.14 14.98 -23.71
C THR D 170 -10.28 16.04 -22.62
N PHE D 171 -11.51 16.39 -22.30
CA PHE D 171 -11.80 17.49 -21.40
C PHE D 171 -11.58 17.08 -19.96
N PRO D 172 -11.30 18.04 -19.08
CA PRO D 172 -11.31 17.72 -17.65
C PRO D 172 -12.68 17.23 -17.20
N ALA D 173 -12.67 16.25 -16.30
CA ALA D 173 -13.91 15.70 -15.78
C ALA D 173 -14.64 16.71 -14.88
N VAL D 174 -15.95 16.58 -14.84
CA VAL D 174 -16.79 17.34 -13.92
C VAL D 174 -17.34 16.40 -12.86
N LEU D 175 -17.62 16.94 -11.69
CA LEU D 175 -18.16 16.18 -10.57
C LEU D 175 -19.66 16.38 -10.53
N GLN D 176 -20.40 15.31 -10.80
CA GLN D 176 -21.86 15.35 -10.76
C GLN D 176 -22.36 15.34 -9.32
N SER D 177 -23.62 15.75 -9.15
CA SER D 177 -24.24 15.82 -7.83
C SER D 177 -24.36 14.45 -7.19
N SER D 178 -24.27 13.39 -7.98
CA SER D 178 -24.22 12.02 -7.44
C SER D 178 -22.89 11.70 -6.79
N GLY D 179 -21.88 12.54 -6.94
CA GLY D 179 -20.56 12.20 -6.47
C GLY D 179 -19.72 11.41 -7.44
N LEU D 180 -20.24 11.15 -8.64
CA LEU D 180 -19.52 10.42 -9.67
C LEU D 180 -19.07 11.38 -10.77
N TYR D 181 -17.91 11.09 -11.34
CA TYR D 181 -17.33 11.95 -12.37
C TYR D 181 -17.92 11.63 -13.75
N SER D 182 -17.83 12.63 -14.64
CA SER D 182 -18.22 12.47 -16.03
C SER D 182 -17.24 13.24 -16.89
N LEU D 183 -16.95 12.69 -18.07
CA LEU D 183 -15.90 13.23 -18.92
C LEU D 183 -16.30 13.06 -20.38
N SER D 184 -15.83 13.97 -21.23
CA SER D 184 -16.02 13.86 -22.67
C SER D 184 -14.68 13.90 -23.37
N SER D 185 -14.53 13.05 -24.38
CA SER D 185 -13.36 13.04 -25.23
C SER D 185 -13.83 13.15 -26.67
N VAL D 186 -13.26 14.09 -27.42
CA VAL D 186 -13.74 14.39 -28.77
C VAL D 186 -12.54 14.49 -29.71
N VAL D 187 -12.79 14.22 -30.99
CA VAL D 187 -11.76 14.33 -32.02
C VAL D 187 -12.43 14.88 -33.27
N THR D 188 -11.70 15.70 -34.01
CA THR D 188 -12.16 16.23 -35.29
C THR D 188 -11.42 15.49 -36.42
N VAL D 189 -12.19 14.94 -37.35
CA VAL D 189 -11.68 14.09 -38.42
C VAL D 189 -12.29 14.58 -39.73
N PRO D 190 -11.72 14.18 -40.87
CA PRO D 190 -12.32 14.59 -42.15
C PRO D 190 -13.72 14.01 -42.28
N SER D 191 -14.61 14.82 -42.88
CA SER D 191 -15.96 14.33 -43.19
C SER D 191 -15.94 13.26 -44.27
N SER D 192 -15.05 13.40 -45.26
CA SER D 192 -15.02 12.47 -46.37
C SER D 192 -14.67 11.06 -45.91
N SER D 193 -13.96 10.94 -44.78
CA SER D 193 -13.42 9.67 -44.33
C SER D 193 -14.41 8.83 -43.52
N LEU D 194 -15.59 9.35 -43.18
CA LEU D 194 -16.44 8.70 -42.18
C LEU D 194 -16.91 7.32 -42.61
N GLY D 195 -17.10 7.10 -43.92
CA GLY D 195 -17.49 5.78 -44.39
C GLY D 195 -16.35 4.81 -44.54
N THR D 196 -15.11 5.30 -44.52
CA THR D 196 -13.94 4.46 -44.73
C THR D 196 -13.09 4.25 -43.48
N GLN D 197 -13.03 5.22 -42.57
CA GLN D 197 -12.26 5.09 -41.33
C GLN D 197 -13.13 4.54 -40.21
N THR D 198 -12.49 3.90 -39.23
CA THR D 198 -13.17 3.46 -38.02
C THR D 198 -12.55 4.16 -36.82
N TYR D 199 -13.39 4.55 -35.87
CA TYR D 199 -12.95 5.30 -34.71
C TYR D 199 -13.44 4.62 -33.44
N ILE D 200 -12.50 4.16 -32.63
CA ILE D 200 -12.76 3.44 -31.38
C ILE D 200 -12.06 4.17 -30.25
N CYS D 201 -12.81 4.51 -29.21
CA CYS D 201 -12.22 5.10 -28.02
C CYS D 201 -11.93 4.00 -27.01
N ASN D 202 -10.69 3.98 -26.49
CA ASN D 202 -10.24 2.98 -25.54
C ASN D 202 -10.22 3.61 -24.15
N VAL D 203 -11.08 3.13 -23.27
CA VAL D 203 -11.26 3.69 -21.93
C VAL D 203 -10.70 2.71 -20.91
N ASN D 204 -9.82 3.18 -20.04
CA ASN D 204 -9.22 2.35 -18.99
C ASN D 204 -9.41 3.04 -17.64
N HIS D 205 -10.08 2.36 -16.72
CA HIS D 205 -10.28 2.82 -15.34
C HIS D 205 -9.65 1.78 -14.41
N LYS D 206 -8.39 2.00 -14.04
CA LYS D 206 -7.67 1.04 -13.20
C LYS D 206 -8.35 0.76 -11.86
N PRO D 207 -8.81 1.75 -11.08
CA PRO D 207 -9.34 1.41 -9.75
C PRO D 207 -10.52 0.45 -9.77
N SER D 208 -11.32 0.45 -10.84
CA SER D 208 -12.40 -0.52 -10.98
C SER D 208 -12.07 -1.67 -11.92
N ASN D 209 -10.82 -1.74 -12.43
CA ASN D 209 -10.41 -2.77 -13.38
C ASN D 209 -11.37 -2.82 -14.57
N THR D 210 -11.73 -1.63 -15.08
CA THR D 210 -12.62 -1.50 -16.22
C THR D 210 -11.81 -1.10 -17.43
N LYS D 211 -12.02 -1.82 -18.52
CA LYS D 211 -11.23 -1.63 -19.72
C LYS D 211 -12.23 -1.78 -20.86
N VAL D 212 -12.64 -0.68 -21.51
CA VAL D 212 -13.73 -0.74 -22.47
C VAL D 212 -13.34 -0.03 -23.78
N ASP D 213 -13.62 -0.68 -24.90
CA ASP D 213 -13.52 -0.11 -26.22
C ASP D 213 -14.91 0.18 -26.77
N LYS D 214 -15.11 1.39 -27.30
CA LYS D 214 -16.38 1.77 -27.91
C LYS D 214 -16.14 2.28 -29.32
N LYS D 215 -16.80 1.66 -30.30
CA LYS D 215 -16.75 2.10 -31.67
C LYS D 215 -17.83 3.16 -31.91
N VAL D 216 -17.44 4.28 -32.51
CA VAL D 216 -18.32 5.42 -32.74
C VAL D 216 -18.65 5.49 -34.23
N GLU D 217 -19.93 5.52 -34.56
CA GLU D 217 -20.41 5.56 -35.92
C GLU D 217 -21.44 6.67 -36.10
N PRO D 218 -21.60 7.19 -37.33
CA PRO D 218 -22.62 8.22 -37.63
C PRO D 218 -24.05 7.74 -37.39
N GLY E 1 14.13 23.76 5.54
CA GLY E 1 14.98 23.69 4.36
C GLY E 1 15.03 24.99 3.58
N VAL E 2 15.51 24.91 2.34
CA VAL E 2 15.69 26.11 1.52
C VAL E 2 14.37 26.41 0.82
N LEU E 3 13.85 27.60 1.05
CA LEU E 3 12.60 28.05 0.44
C LEU E 3 12.89 28.64 -0.93
N MET E 4 12.19 28.14 -1.96
CA MET E 4 12.31 28.66 -3.33
C MET E 4 11.02 29.40 -3.68
N THR E 5 11.15 30.72 -3.87
CA THR E 5 10.01 31.58 -4.19
C THR E 5 10.06 31.94 -5.67
N GLN E 6 8.98 31.64 -6.38
CA GLN E 6 8.84 31.89 -7.80
C GLN E 6 7.85 33.03 -8.02
N THR E 7 8.08 33.84 -9.05
CA THR E 7 7.14 34.92 -9.35
C THR E 7 7.19 35.19 -10.84
N PRO E 8 6.03 35.45 -11.49
CA PRO E 8 4.68 35.41 -10.92
C PRO E 8 4.11 34.00 -10.88
N LEU E 9 2.90 33.85 -10.35
CA LEU E 9 2.24 32.56 -10.40
C LEU E 9 1.65 32.28 -11.79
N SER E 10 1.24 33.33 -12.49
CA SER E 10 0.81 33.23 -13.87
C SER E 10 1.46 34.36 -14.66
N LEU E 11 1.99 34.01 -15.84
CA LEU E 11 2.77 34.94 -16.66
C LEU E 11 2.13 35.05 -18.04
N PRO E 12 1.42 36.14 -18.35
CA PRO E 12 0.88 36.31 -19.70
C PRO E 12 1.95 36.84 -20.67
N VAL E 13 2.07 36.18 -21.82
CA VAL E 13 3.02 36.56 -22.86
C VAL E 13 2.34 36.45 -24.22
N ARG E 14 2.62 37.39 -25.10
CA ARG E 14 2.17 37.32 -26.49
C ARG E 14 2.99 36.30 -27.26
N LEU E 15 2.37 35.68 -28.26
CA LEU E 15 3.13 34.78 -29.14
C LEU E 15 4.25 35.56 -29.79
N GLY E 16 5.45 34.99 -29.78
CA GLY E 16 6.61 35.63 -30.35
C GLY E 16 7.34 36.57 -29.42
N ASP E 17 6.78 36.90 -28.27
CA ASP E 17 7.40 37.77 -27.30
C ASP E 17 8.34 36.98 -26.38
N GLN E 18 8.94 37.70 -25.43
CA GLN E 18 9.88 37.15 -24.48
C GLN E 18 9.21 36.92 -23.15
N ALA E 19 9.58 35.83 -22.49
CA ALA E 19 9.08 35.50 -21.17
C ALA E 19 10.24 35.41 -20.21
N SER E 20 10.05 35.92 -19.00
CA SER E 20 11.07 35.90 -17.96
C SER E 20 10.40 35.48 -16.67
N ILE E 21 10.96 34.47 -16.01
CA ILE E 21 10.42 33.94 -14.77
C ILE E 21 11.47 34.07 -13.68
N SER E 22 11.04 34.58 -12.53
CA SER E 22 11.95 34.82 -11.42
C SER E 22 11.87 33.68 -10.41
N CYS E 23 13.03 33.22 -9.94
CA CYS E 23 13.13 32.25 -8.86
C CYS E 23 14.16 32.74 -7.84
N ARG E 24 13.78 32.77 -6.57
CA ARG E 24 14.65 33.21 -5.49
C ARG E 24 14.69 32.16 -4.39
N SER E 25 15.86 31.98 -3.79
CA SER E 25 16.04 31.06 -2.68
C SER E 25 16.19 31.85 -1.37
N SER E 26 15.65 31.27 -0.29
CA SER E 26 15.71 31.95 1.01
C SER E 26 17.14 32.09 1.50
N GLN E 27 18.03 31.20 1.09
CA GLN E 27 19.42 31.20 1.50
C GLN E 27 20.29 30.76 0.32
N SER E 28 21.60 30.90 0.46
CA SER E 28 22.52 30.47 -0.59
C SER E 28 22.35 28.98 -0.89
N ILE E 29 22.36 28.65 -2.18
CA ILE E 29 22.23 27.26 -2.60
C ILE E 29 23.47 26.88 -3.42
N VAL E 30 24.59 27.48 -3.09
CA VAL E 30 25.88 27.04 -3.62
C VAL E 30 26.35 25.83 -2.81
N TYR E 31 26.65 24.75 -3.50
CA TYR E 31 27.20 23.54 -2.91
C TYR E 31 28.68 23.73 -2.57
N SER E 32 29.20 22.86 -1.71
CA SER E 32 30.54 23.06 -1.13
C SER E 32 31.63 23.07 -2.20
N ASN E 33 31.39 22.46 -3.37
CA ASN E 33 32.39 22.49 -4.43
C ASN E 33 32.37 23.79 -5.23
N GLY E 34 31.39 24.67 -4.96
CA GLY E 34 31.24 25.92 -5.66
C GLY E 34 30.24 25.91 -6.81
N ASN E 35 29.59 24.78 -7.06
CA ASN E 35 28.53 24.71 -8.05
C ASN E 35 27.18 24.93 -7.41
N THR E 36 26.23 25.42 -8.20
CA THR E 36 24.86 25.66 -7.77
C THR E 36 23.94 24.79 -8.59
N TYR E 37 23.28 23.83 -7.94
CA TYR E 37 22.38 22.90 -8.62
C TYR E 37 20.96 23.46 -8.66
N LEU E 38 20.82 24.52 -9.46
CA LEU E 38 19.51 25.12 -9.71
C LEU E 38 19.01 24.59 -11.05
N GLU E 39 17.83 24.00 -11.05
CA GLU E 39 17.29 23.37 -12.25
C GLU E 39 15.92 23.96 -12.56
N TRP E 40 15.55 23.90 -13.83
CA TRP E 40 14.24 24.32 -14.30
C TRP E 40 13.55 23.16 -15.00
N TYR E 41 12.28 22.97 -14.68
CA TYR E 41 11.45 21.91 -15.23
C TYR E 41 10.17 22.51 -15.78
N LEU E 42 9.66 21.91 -16.85
CA LEU E 42 8.38 22.28 -17.44
C LEU E 42 7.44 21.10 -17.33
N GLN E 43 6.19 21.36 -16.93
CA GLN E 43 5.17 20.31 -16.90
C GLN E 43 3.95 20.79 -17.67
N ARG E 44 3.71 20.17 -18.80
CA ARG E 44 2.45 20.29 -19.50
C ARG E 44 1.39 19.45 -18.81
N PRO E 45 0.13 19.89 -18.83
CA PRO E 45 -0.93 19.09 -18.19
C PRO E 45 -1.06 17.74 -18.86
N GLY E 46 -1.31 16.71 -18.04
CA GLY E 46 -1.38 15.36 -18.53
C GLY E 46 -0.04 14.71 -18.79
N GLN E 47 1.07 15.37 -18.48
CA GLN E 47 2.41 14.89 -18.79
C GLN E 47 3.28 14.91 -17.53
N SER E 48 4.43 14.23 -17.63
CA SER E 48 5.44 14.28 -16.60
C SER E 48 6.27 15.56 -16.73
N PRO E 49 6.90 16.01 -15.65
CA PRO E 49 7.82 17.13 -15.76
C PRO E 49 9.00 16.76 -16.65
N LYS E 50 9.55 17.76 -17.37
CA LYS E 50 10.74 17.54 -18.18
C LYS E 50 11.78 18.62 -17.91
N LEU E 51 13.03 18.16 -17.86
CA LEU E 51 14.16 19.03 -17.56
C LEU E 51 14.41 20.02 -18.68
N LEU E 52 14.63 21.28 -18.30
CA LEU E 52 15.02 22.34 -19.22
C LEU E 52 16.45 22.80 -18.96
N ILE E 53 16.74 23.21 -17.74
CA ILE E 53 18.01 23.82 -17.37
C ILE E 53 18.58 23.10 -16.18
N TYR E 54 19.90 22.92 -16.17
CA TYR E 54 20.61 22.41 -15.00
C TYR E 54 21.80 23.31 -14.73
N LYS E 55 22.18 23.39 -13.46
CA LYS E 55 23.30 24.21 -13.01
C LYS E 55 23.15 25.65 -13.50
N VAL E 56 21.97 26.22 -13.25
CA VAL E 56 21.63 27.62 -13.46
C VAL E 56 21.44 27.96 -14.94
N SER E 57 22.43 27.64 -15.77
CA SER E 57 22.45 28.18 -17.13
C SER E 57 22.60 27.18 -18.26
N ASN E 58 22.77 25.88 -17.98
CA ASN E 58 23.06 24.92 -19.02
C ASN E 58 21.78 24.32 -19.58
N ARG E 59 21.70 24.27 -20.91
CA ARG E 59 20.53 23.70 -21.57
C ARG E 59 20.63 22.18 -21.60
N PHE E 60 19.54 21.50 -21.23
CA PHE E 60 19.43 20.07 -21.39
C PHE E 60 19.33 19.70 -22.87
N SER E 61 19.74 18.47 -23.19
CA SER E 61 19.73 18.00 -24.57
C SER E 61 18.34 18.13 -25.19
N GLY E 62 18.29 18.72 -26.38
CA GLY E 62 17.04 18.89 -27.10
C GLY E 62 16.29 20.15 -26.79
N VAL E 63 16.80 20.98 -25.88
CA VAL E 63 16.17 22.27 -25.53
C VAL E 63 16.63 23.35 -26.51
N PRO E 64 15.72 24.11 -27.12
CA PRO E 64 16.11 25.15 -28.07
C PRO E 64 16.90 26.27 -27.41
N ASP E 65 17.75 26.92 -28.20
CA ASP E 65 18.60 27.99 -27.69
C ASP E 65 17.82 29.22 -27.29
N ARG E 66 16.54 29.33 -27.67
CA ARG E 66 15.72 30.44 -27.19
C ARG E 66 15.38 30.33 -25.71
N VAL E 67 15.55 29.16 -25.10
CA VAL E 67 15.43 29.01 -23.65
C VAL E 67 16.79 29.26 -23.02
N SER E 68 16.83 30.08 -21.97
CA SER E 68 18.09 30.35 -21.29
C SER E 68 17.82 30.57 -19.81
N GLY E 69 18.87 30.35 -19.01
CA GLY E 69 18.80 30.57 -17.58
C GLY E 69 19.95 31.44 -17.11
N SER E 70 19.73 32.11 -15.98
CA SER E 70 20.77 32.95 -15.42
C SER E 70 20.52 33.09 -13.92
N GLY E 71 21.53 33.57 -13.21
CA GLY E 71 21.40 33.77 -11.79
C GLY E 71 22.68 34.18 -11.10
N SER E 72 22.55 34.97 -10.04
CA SER E 72 23.67 35.32 -9.17
C SER E 72 23.15 35.46 -7.76
N GLY E 73 23.92 34.98 -6.79
CA GLY E 73 23.47 34.98 -5.42
C GLY E 73 22.28 34.08 -5.21
N THR E 74 21.17 34.62 -4.70
CA THR E 74 19.94 33.87 -4.50
C THR E 74 18.86 34.23 -5.52
N ASP E 75 19.20 34.99 -6.57
CA ASP E 75 18.24 35.42 -7.59
C ASP E 75 18.49 34.63 -8.87
N PHE E 76 17.41 34.08 -9.46
CA PHE E 76 17.57 33.28 -10.67
C PHE E 76 16.46 33.63 -11.65
N THR E 77 16.78 33.52 -12.95
CA THR E 77 15.82 33.90 -13.99
C THR E 77 15.86 32.91 -15.13
N LEU E 78 14.68 32.48 -15.59
CA LEU E 78 14.52 31.69 -16.79
C LEU E 78 13.92 32.56 -17.89
N LYS E 79 14.45 32.44 -19.11
CA LYS E 79 14.02 33.31 -20.21
C LYS E 79 13.68 32.47 -21.44
N ILE E 80 12.58 32.84 -22.11
CA ILE E 80 12.13 32.22 -23.34
C ILE E 80 11.87 33.36 -24.31
N SER E 81 12.77 33.53 -25.30
CA SER E 81 12.78 34.77 -26.06
C SER E 81 11.72 34.88 -27.15
N ARG E 82 11.23 33.79 -27.74
CA ARG E 82 10.18 34.08 -28.71
C ARG E 82 9.16 32.95 -28.51
N VAL E 83 8.19 33.23 -27.63
CA VAL E 83 7.32 32.19 -27.10
C VAL E 83 6.44 31.60 -28.18
N GLU E 84 6.35 30.27 -28.18
CA GLU E 84 5.47 29.54 -29.08
C GLU E 84 4.45 28.76 -28.26
N ALA E 85 3.48 28.15 -28.95
CA ALA E 85 2.40 27.44 -28.26
C ALA E 85 2.92 26.23 -27.49
N GLU E 86 4.07 25.71 -27.86
CA GLU E 86 4.56 24.46 -27.28
C GLU E 86 5.29 24.73 -25.98
N ASP E 87 5.48 26.01 -25.66
CA ASP E 87 6.06 26.43 -24.39
C ASP E 87 5.05 26.42 -23.27
N LEU E 88 3.78 26.18 -23.57
CA LEU E 88 2.74 26.24 -22.55
C LEU E 88 2.94 25.17 -21.49
N GLY E 89 2.63 25.52 -20.26
CA GLY E 89 2.76 24.63 -19.13
C GLY E 89 3.12 25.43 -17.90
N VAL E 90 3.46 24.70 -16.84
CA VAL E 90 3.89 25.28 -15.58
C VAL E 90 5.39 25.04 -15.47
N TYR E 91 6.15 26.11 -15.24
CA TYR E 91 7.59 26.04 -15.08
C TYR E 91 7.94 26.04 -13.60
N TYR E 92 8.87 25.16 -13.21
CA TYR E 92 9.30 25.06 -11.83
C TYR E 92 10.82 25.19 -11.78
N CYS E 93 11.32 26.12 -10.99
CA CYS E 93 12.71 26.03 -10.60
C CYS E 93 12.85 24.98 -9.50
N PHE E 94 14.06 24.44 -9.38
CA PHE E 94 14.32 23.38 -8.42
C PHE E 94 15.71 23.55 -7.84
N GLN E 95 15.81 23.39 -6.52
CA GLN E 95 17.06 23.51 -5.78
C GLN E 95 17.56 22.11 -5.43
N GLY E 96 18.70 21.72 -5.97
CA GLY E 96 19.24 20.39 -5.73
C GLY E 96 20.55 20.32 -4.97
N SER E 97 20.88 21.38 -4.23
CA SER E 97 22.16 21.47 -3.54
C SER E 97 22.09 20.96 -2.11
N HIS E 98 21.00 21.24 -1.38
CA HIS E 98 20.92 20.96 0.04
C HIS E 98 19.70 20.11 0.34
N VAL E 99 19.93 18.95 0.93
CA VAL E 99 18.83 18.10 1.38
C VAL E 99 18.15 18.77 2.57
N PRO E 100 16.81 18.81 2.62
CA PRO E 100 15.89 18.30 1.60
C PRO E 100 15.78 19.20 0.37
N TYR E 101 15.72 18.60 -0.83
CA TYR E 101 15.59 19.38 -2.06
C TYR E 101 14.19 19.98 -2.15
N THR E 102 14.09 21.12 -2.82
CA THR E 102 12.86 21.90 -2.82
C THR E 102 12.58 22.47 -4.21
N PHE E 103 11.30 22.62 -4.52
CA PHE E 103 10.84 23.25 -5.75
C PHE E 103 10.29 24.64 -5.45
N GLY E 104 10.28 25.48 -6.49
CA GLY E 104 9.46 26.67 -6.44
C GLY E 104 8.00 26.33 -6.64
N GLY E 105 7.15 27.33 -6.43
CA GLY E 105 5.71 27.09 -6.46
C GLY E 105 5.14 26.92 -7.85
N GLY E 106 5.89 27.26 -8.87
CA GLY E 106 5.48 27.09 -10.25
C GLY E 106 4.99 28.39 -10.87
N THR E 107 5.23 28.54 -12.17
CA THR E 107 4.76 29.68 -12.93
C THR E 107 4.02 29.18 -14.16
N LYS E 108 2.72 29.46 -14.21
CA LYS E 108 1.91 29.08 -15.34
C LYS E 108 2.11 30.08 -16.45
N LEU E 109 2.55 29.58 -17.60
CA LEU E 109 2.62 30.42 -18.77
C LEU E 109 1.28 30.39 -19.48
N GLU E 110 0.66 31.53 -19.74
CA GLU E 110 -0.41 31.48 -20.73
C GLU E 110 -0.27 32.59 -21.75
N ILE E 111 -0.48 32.19 -22.99
CA ILE E 111 -0.09 32.90 -24.19
C ILE E 111 -1.27 33.72 -24.69
N LYS E 112 -0.99 34.95 -25.13
CA LYS E 112 -2.01 35.78 -25.72
C LYS E 112 -1.85 35.80 -27.23
N ARG E 113 -2.96 35.68 -27.95
CA ARG E 113 -2.96 35.55 -29.39
C ARG E 113 -4.16 36.28 -29.97
N THR E 114 -4.31 36.18 -31.29
CA THR E 114 -5.45 36.79 -31.94
C THR E 114 -6.74 36.09 -31.54
N VAL E 115 -7.84 36.85 -31.61
CA VAL E 115 -9.16 36.28 -31.36
C VAL E 115 -9.47 35.17 -32.34
N ALA E 116 -10.08 34.10 -31.84
CA ALA E 116 -10.54 33.01 -32.68
C ALA E 116 -11.94 32.58 -32.22
N ALA E 117 -12.89 32.54 -33.16
CA ALA E 117 -14.24 32.15 -32.83
C ALA E 117 -14.34 30.64 -32.67
N PRO E 118 -15.20 30.16 -31.76
CA PRO E 118 -15.40 28.71 -31.62
C PRO E 118 -16.09 28.09 -32.82
N SER E 119 -15.75 26.83 -33.09
CA SER E 119 -16.58 25.95 -33.90
C SER E 119 -17.50 25.19 -32.95
N VAL E 120 -18.79 25.24 -33.20
CA VAL E 120 -19.80 24.70 -32.29
C VAL E 120 -20.38 23.41 -32.85
N PHE E 121 -20.50 22.40 -32.00
CA PHE E 121 -21.07 21.10 -32.35
C PHE E 121 -22.05 20.68 -31.26
N ILE E 122 -23.04 19.87 -31.65
CA ILE E 122 -24.01 19.34 -30.70
C ILE E 122 -24.19 17.84 -30.94
N PHE E 123 -24.35 17.09 -29.85
CA PHE E 123 -24.52 15.64 -29.87
C PHE E 123 -25.82 15.26 -29.14
N PRO E 124 -26.74 14.58 -29.81
CA PRO E 124 -27.93 14.05 -29.12
C PRO E 124 -27.54 12.86 -28.26
N PRO E 125 -28.38 12.50 -27.26
CA PRO E 125 -28.07 11.33 -26.44
C PRO E 125 -28.01 10.05 -27.26
N SER E 126 -27.12 9.15 -26.86
CA SER E 126 -27.00 7.87 -27.52
C SER E 126 -28.15 6.94 -27.13
N ASP E 127 -28.42 5.98 -28.02
CA ASP E 127 -29.45 4.99 -27.72
C ASP E 127 -29.10 4.18 -26.48
N GLU E 128 -27.81 3.90 -26.26
CA GLU E 128 -27.41 3.09 -25.11
C GLU E 128 -27.73 3.80 -23.80
N GLN E 129 -27.45 5.10 -23.70
CA GLN E 129 -27.78 5.81 -22.46
C GLN E 129 -29.29 5.94 -22.27
N LEU E 130 -30.04 6.16 -23.37
CA LEU E 130 -31.50 6.29 -23.27
C LEU E 130 -32.15 5.00 -22.81
N LYS E 131 -31.53 3.88 -23.16
CA LYS E 131 -31.94 2.56 -22.71
C LYS E 131 -31.81 2.43 -21.19
N SER E 132 -30.95 3.24 -20.55
CA SER E 132 -30.79 3.29 -19.08
C SER E 132 -31.69 4.33 -18.39
N GLY E 133 -32.46 5.13 -19.12
CA GLY E 133 -33.36 6.07 -18.50
C GLY E 133 -32.85 7.50 -18.37
N THR E 134 -31.67 7.81 -18.88
CA THR E 134 -31.11 9.15 -18.79
C THR E 134 -30.75 9.63 -20.18
N ALA E 135 -30.82 10.96 -20.37
CA ALA E 135 -30.43 11.59 -21.64
C ALA E 135 -29.40 12.66 -21.35
N SER E 136 -28.22 12.54 -21.94
CA SER E 136 -27.19 13.55 -21.87
C SER E 136 -26.99 14.17 -23.25
N VAL E 137 -27.09 15.50 -23.31
CA VAL E 137 -26.83 16.26 -24.53
C VAL E 137 -25.53 17.03 -24.33
N VAL E 138 -24.64 16.99 -25.32
CA VAL E 138 -23.31 17.56 -25.20
C VAL E 138 -23.13 18.61 -26.27
N CYS E 139 -22.78 19.83 -25.85
CA CYS E 139 -22.45 20.93 -26.75
C CYS E 139 -20.95 21.17 -26.68
N LEU E 140 -20.31 21.21 -27.84
CA LEU E 140 -18.86 21.34 -27.92
C LEU E 140 -18.49 22.67 -28.58
N LEU E 141 -17.54 23.40 -27.97
CA LEU E 141 -16.98 24.62 -28.54
C LEU E 141 -15.49 24.37 -28.76
N ASN E 142 -15.05 24.35 -30.01
CA ASN E 142 -13.71 23.93 -30.35
C ASN E 142 -12.82 25.11 -30.72
N ASN E 143 -11.64 25.16 -30.10
CA ASN E 143 -10.49 25.99 -30.49
C ASN E 143 -10.89 27.47 -30.68
N PHE E 144 -11.20 28.10 -29.56
CA PHE E 144 -11.51 29.52 -29.53
C PHE E 144 -10.52 30.25 -28.64
N TYR E 145 -10.44 31.57 -28.85
CA TYR E 145 -9.64 32.45 -28.03
C TYR E 145 -10.28 33.84 -28.11
N PRO E 146 -10.43 34.55 -26.98
CA PRO E 146 -9.95 34.19 -25.63
C PRO E 146 -10.82 33.17 -24.89
N ARG E 147 -10.42 32.87 -23.65
CA ARG E 147 -11.00 31.77 -22.88
C ARG E 147 -12.46 32.03 -22.52
N GLU E 148 -12.87 33.28 -22.41
CA GLU E 148 -14.21 33.59 -21.93
C GLU E 148 -15.23 33.26 -23.00
N ALA E 149 -16.19 32.40 -22.67
CA ALA E 149 -17.25 32.03 -23.60
C ALA E 149 -18.49 31.70 -22.78
N LYS E 150 -19.65 31.91 -23.41
CA LYS E 150 -20.92 31.72 -22.75
C LYS E 150 -21.75 30.71 -23.53
N VAL E 151 -22.23 29.70 -22.83
CA VAL E 151 -23.12 28.67 -23.37
C VAL E 151 -24.44 28.76 -22.65
N GLN E 152 -25.53 28.86 -23.40
CA GLN E 152 -26.87 28.79 -22.82
C GLN E 152 -27.63 27.65 -23.47
N TRP E 153 -28.16 26.75 -22.64
CA TRP E 153 -29.00 25.67 -23.13
C TRP E 153 -30.43 26.16 -23.24
N LYS E 154 -31.06 25.87 -24.38
CA LYS E 154 -32.45 26.21 -24.61
C LYS E 154 -33.17 24.94 -25.04
N VAL E 155 -34.27 24.63 -24.38
CA VAL E 155 -35.10 23.49 -24.72
C VAL E 155 -36.45 24.04 -25.11
N ASP E 156 -36.80 23.90 -26.40
CA ASP E 156 -37.98 24.55 -26.99
C ASP E 156 -38.03 26.02 -26.61
N ASN E 157 -36.88 26.69 -26.76
CA ASN E 157 -36.64 28.12 -26.54
C ASN E 157 -36.69 28.52 -25.06
N ALA E 158 -37.02 27.61 -24.15
CA ALA E 158 -36.98 27.94 -22.73
C ALA E 158 -35.53 27.82 -22.26
N LEU E 159 -34.97 28.90 -21.74
CA LEU E 159 -33.60 28.88 -21.23
C LEU E 159 -33.50 27.95 -20.04
N GLN E 160 -32.47 27.11 -20.05
CA GLN E 160 -32.27 26.14 -18.99
C GLN E 160 -31.35 26.68 -17.91
N SER E 161 -31.59 26.24 -16.68
CA SER E 161 -30.65 26.41 -15.59
C SER E 161 -30.73 25.21 -14.67
N GLY E 162 -29.59 24.85 -14.08
CA GLY E 162 -29.56 23.83 -13.05
C GLY E 162 -29.44 22.41 -13.53
N ASN E 163 -29.36 22.17 -14.84
CA ASN E 163 -29.29 20.81 -15.36
C ASN E 163 -28.08 20.60 -16.27
N SER E 164 -27.07 21.47 -16.22
CA SER E 164 -25.90 21.31 -17.06
C SER E 164 -24.63 21.51 -16.27
N GLN E 165 -23.54 20.95 -16.80
CA GLN E 165 -22.18 21.17 -16.31
C GLN E 165 -21.26 21.35 -17.50
N GLU E 166 -20.19 22.12 -17.28
CA GLU E 166 -19.22 22.37 -18.35
C GLU E 166 -17.82 22.38 -17.77
N SER E 167 -16.84 22.19 -18.64
CA SER E 167 -15.45 22.43 -18.25
C SER E 167 -14.66 22.84 -19.49
N VAL E 168 -13.57 23.57 -19.25
CA VAL E 168 -12.75 24.15 -20.31
C VAL E 168 -11.39 23.46 -20.31
N THR E 169 -10.85 23.21 -21.49
CA THR E 169 -9.54 22.60 -21.59
C THR E 169 -8.45 23.57 -21.13
N GLU E 170 -7.28 23.02 -20.91
CA GLU E 170 -6.08 23.82 -20.80
C GLU E 170 -5.76 24.45 -22.16
N GLN E 171 -5.00 25.54 -22.15
CA GLN E 171 -4.66 26.18 -23.41
C GLN E 171 -3.90 25.20 -24.30
N ASP E 172 -4.30 25.17 -25.57
CA ASP E 172 -3.78 24.20 -26.51
C ASP E 172 -2.31 24.44 -26.83
N SER E 173 -1.55 23.35 -26.90
CA SER E 173 -0.10 23.41 -27.06
C SER E 173 0.32 23.58 -28.50
N LYS E 174 -0.60 23.51 -29.46
CA LYS E 174 -0.26 23.74 -30.87
C LYS E 174 -0.83 25.02 -31.45
N ASP E 175 -2.04 25.45 -31.09
CA ASP E 175 -2.56 26.73 -31.56
C ASP E 175 -2.95 27.71 -30.46
N SER E 176 -2.68 27.39 -29.19
CA SER E 176 -2.92 28.30 -28.06
C SER E 176 -4.40 28.69 -27.90
N THR E 177 -5.33 27.84 -28.35
CA THR E 177 -6.75 28.11 -28.17
C THR E 177 -7.26 27.35 -26.96
N TYR E 178 -8.55 27.53 -26.66
CA TYR E 178 -9.25 26.77 -25.64
C TYR E 178 -10.43 26.04 -26.27
N SER E 179 -10.90 25.00 -25.58
CA SER E 179 -12.12 24.30 -25.95
C SER E 179 -12.96 24.07 -24.71
N LEU E 180 -14.26 23.96 -24.91
CA LEU E 180 -15.23 23.84 -23.83
C LEU E 180 -16.24 22.77 -24.18
N SER E 181 -16.55 21.91 -23.21
CA SER E 181 -17.58 20.89 -23.32
C SER E 181 -18.65 21.15 -22.27
N SER E 182 -19.91 21.16 -22.68
CA SER E 182 -21.04 21.33 -21.77
C SER E 182 -22.04 20.21 -21.98
N THR E 183 -22.50 19.63 -20.87
CA THR E 183 -23.40 18.46 -20.89
C THR E 183 -24.71 18.83 -20.21
N LEU E 184 -25.81 18.66 -20.93
CA LEU E 184 -27.15 18.82 -20.38
C LEU E 184 -27.70 17.42 -20.13
N THR E 185 -28.03 17.13 -18.86
CA THR E 185 -28.50 15.80 -18.48
C THR E 185 -29.92 15.90 -17.95
N LEU E 186 -30.84 15.14 -18.55
CA LEU E 186 -32.22 15.06 -18.10
C LEU E 186 -32.63 13.61 -17.96
N SER E 187 -33.71 13.40 -17.23
CA SER E 187 -34.37 12.10 -17.26
C SER E 187 -34.85 11.81 -18.68
N LYS E 188 -34.89 10.54 -19.04
CA LYS E 188 -35.41 10.18 -20.35
C LYS E 188 -36.86 10.63 -20.52
N ALA E 189 -37.64 10.62 -19.43
CA ALA E 189 -39.01 11.10 -19.49
C ALA E 189 -39.07 12.57 -19.86
N ASP E 190 -38.30 13.41 -19.17
CA ASP E 190 -38.27 14.83 -19.49
C ASP E 190 -37.73 15.06 -20.89
N TYR E 191 -36.77 14.25 -21.33
CA TYR E 191 -36.16 14.44 -22.65
C TYR E 191 -37.18 14.23 -23.76
N GLU E 192 -38.10 13.29 -23.56
CA GLU E 192 -39.04 12.95 -24.62
C GLU E 192 -40.25 13.88 -24.63
N LYS E 193 -40.27 14.89 -23.76
CA LYS E 193 -41.36 15.84 -23.65
C LYS E 193 -41.09 17.11 -24.44
N HIS E 194 -40.06 17.13 -25.28
CA HIS E 194 -39.69 18.34 -26.00
C HIS E 194 -39.12 17.97 -27.37
N LYS E 195 -39.02 18.98 -28.24
CA LYS E 195 -38.59 18.81 -29.62
C LYS E 195 -37.20 19.36 -29.91
N VAL E 196 -36.94 20.61 -29.57
CA VAL E 196 -35.74 21.31 -30.01
C VAL E 196 -34.77 21.43 -28.84
N TYR E 197 -33.55 20.93 -29.04
CA TYR E 197 -32.48 21.02 -28.06
C TYR E 197 -31.38 21.87 -28.66
N ALA E 198 -31.06 22.98 -28.00
CA ALA E 198 -30.19 23.99 -28.59
C ALA E 198 -29.19 24.47 -27.56
N CYS E 199 -27.97 24.74 -28.02
CA CYS E 199 -27.02 25.51 -27.23
C CYS E 199 -26.67 26.76 -28.02
N GLU E 200 -26.84 27.90 -27.38
CA GLU E 200 -26.53 29.19 -27.97
C GLU E 200 -25.22 29.68 -27.37
N VAL E 201 -24.30 30.12 -28.22
CA VAL E 201 -22.93 30.39 -27.83
C VAL E 201 -22.61 31.86 -28.10
N THR E 202 -22.08 32.53 -27.08
CA THR E 202 -21.61 33.90 -27.19
C THR E 202 -20.11 33.95 -26.99
N HIS E 203 -19.42 34.72 -27.83
CA HIS E 203 -17.97 34.79 -27.76
C HIS E 203 -17.49 36.03 -28.50
N GLN E 204 -16.33 36.53 -28.10
CA GLN E 204 -15.80 37.76 -28.69
C GLN E 204 -15.57 37.62 -30.19
N GLY E 205 -15.33 36.42 -30.68
CA GLY E 205 -15.11 36.22 -32.10
C GLY E 205 -16.36 36.09 -32.95
N LEU E 206 -17.54 36.02 -32.34
CA LEU E 206 -18.79 35.98 -33.08
C LEU E 206 -19.47 37.35 -33.05
N SER E 207 -19.88 37.83 -34.22
CA SER E 207 -20.57 39.11 -34.31
C SER E 207 -21.98 39.05 -33.74
N SER E 208 -22.58 37.87 -33.70
CA SER E 208 -23.89 37.64 -33.10
C SER E 208 -23.93 36.20 -32.60
N PRO E 209 -24.82 35.88 -31.66
CA PRO E 209 -24.82 34.53 -31.07
C PRO E 209 -25.06 33.45 -32.11
N VAL E 210 -24.41 32.30 -31.90
CA VAL E 210 -24.49 31.16 -32.79
C VAL E 210 -25.29 30.06 -32.09
N THR E 211 -26.28 29.51 -32.78
CA THR E 211 -27.09 28.42 -32.26
C THR E 211 -26.86 27.15 -33.05
N LYS E 212 -26.56 26.05 -32.35
CA LYS E 212 -26.60 24.71 -32.90
C LYS E 212 -27.69 23.94 -32.17
N SER E 213 -28.56 23.29 -32.93
CA SER E 213 -29.72 22.64 -32.36
C SER E 213 -30.08 21.43 -33.19
N PHE E 214 -30.95 20.59 -32.63
CA PHE E 214 -31.49 19.45 -33.34
C PHE E 214 -32.89 19.18 -32.82
N ASN E 215 -33.70 18.55 -33.65
CA ASN E 215 -35.06 18.15 -33.30
C ASN E 215 -35.05 16.70 -32.87
N ARG E 216 -35.59 16.43 -31.68
CA ARG E 216 -35.62 15.07 -31.16
C ARG E 216 -36.46 14.18 -32.07
N GLY E 217 -35.96 12.98 -32.33
CA GLY E 217 -36.54 12.14 -33.37
C GLY E 217 -36.10 12.50 -34.76
N GLU E 218 -35.03 13.30 -34.89
CA GLU E 218 -34.49 13.73 -36.17
C GLU E 218 -35.52 14.35 -37.08
N ALA F 1 20.20 17.52 -9.17
CA ALA F 1 20.59 17.54 -7.76
C ALA F 1 21.93 16.85 -7.57
N VAL F 2 22.58 17.12 -6.44
CA VAL F 2 23.80 16.39 -6.11
C VAL F 2 23.50 14.92 -5.90
N GLY F 3 22.44 14.64 -5.15
CA GLY F 3 22.07 13.28 -4.77
C GLY F 3 22.33 13.07 -3.29
N ILE F 4 21.45 12.28 -2.66
CA ILE F 4 21.57 12.00 -1.22
C ILE F 4 22.74 11.10 -0.92
N GLY F 5 23.30 10.44 -1.93
CA GLY F 5 24.41 9.52 -1.77
C GLY F 5 25.80 10.13 -1.77
N ALA F 6 25.94 11.44 -1.94
CA ALA F 6 27.28 12.04 -2.01
C ALA F 6 27.95 12.10 -0.64
#